data_2I58
#
_entry.id   2I58
#
_cell.length_a   49.214
_cell.length_b   119.435
_cell.length_c   146.326
_cell.angle_alpha   90.000
_cell.angle_beta   90.000
_cell.angle_gamma   90.000
#
_symmetry.space_group_name_H-M   'P 21 21 21'
#
loop_
_entity.id
_entity.type
_entity.pdbx_description
1 polymer 'Sugar ABC transporter, sugar-binding protein'
2 branched beta-D-fructofuranose-(2-1)-alpha-D-glucopyranose-(1-6)-alpha-D-galactopyranose
3 non-polymer 'CHLORIDE ION'
#
_entity_poly.entity_id   1
_entity_poly.type   'polypeptide(L)'
_entity_poly.pdbx_seq_one_letter_code
;GPSSTVTIEYFNQKKEMTKTLEEITRDFEKENPKIKVKVVNVPNAGEVLKTRVLAGDVPDVVNIYPQSIELQEWAKAGVF
EDLSNKDYLKRVKNGYAEKYAVNEKVYNVPFTANAYGIYYNKDKFEELGLKVPETWDEFEQLVKDIVAKGQTPFGIAGAD
AWTLNGYNQLAFATATGGGKEANQYLRYSQPNAIKLSDPIMKDDIKVMDILRINGSKQKNWEGAGYTDVIGAFARGDVLM
TPNGSWAITAINEQKPNFKIGTFMIPGKEKGQSLTVGAGDLAWSISATTKHPKEANAFVEYMTRPEVMQKYYDVDGSPTA
IEGVKQAGEDSPLAGMTEYAFTDRHLVWLQQYWTSEADFHTLTMNYVLTGDKQGMVNDLNAFFNPMKM
;
_entity_poly.pdbx_strand_id   A,B
#
# COMPACT_ATOMS: atom_id res chain seq x y z
N SER A 4 -35.73 5.19 -31.97
CA SER A 4 -35.10 6.25 -31.14
C SER A 4 -34.00 5.64 -30.25
N THR A 5 -33.04 5.00 -30.93
CA THR A 5 -31.83 4.47 -30.34
C THR A 5 -30.74 5.53 -30.45
N VAL A 6 -29.97 5.73 -29.37
CA VAL A 6 -28.94 6.77 -29.36
C VAL A 6 -27.56 6.14 -29.19
N THR A 7 -26.68 6.41 -30.15
CA THR A 7 -25.31 5.97 -30.14
C THR A 7 -24.46 6.97 -29.42
N ILE A 8 -23.48 6.50 -28.67
CA ILE A 8 -22.46 7.34 -28.06
C ILE A 8 -21.09 6.80 -28.40
N GLU A 9 -20.07 7.63 -28.28
CA GLU A 9 -18.70 7.17 -28.50
C GLU A 9 -18.08 6.95 -27.17
N TYR A 10 -17.31 5.88 -27.06
CA TYR A 10 -16.32 5.76 -26.02
C TYR A 10 -14.92 5.80 -26.70
N PHE A 11 -14.07 6.76 -26.31
CA PHE A 11 -12.77 6.98 -26.96
C PHE A 11 -11.62 6.29 -26.23
N ASN A 12 -11.38 5.05 -26.67
CA ASN A 12 -10.49 4.17 -26.02
C ASN A 12 -9.08 4.56 -26.41
N GLN A 13 -8.17 4.55 -25.40
CA GLN A 13 -6.73 4.58 -25.63
C GLN A 13 -6.08 3.30 -25.07
N LYS A 14 -6.84 2.31 -24.66
CA LYS A 14 -6.20 1.15 -24.08
C LYS A 14 -6.31 -0.12 -25.00
N LYS A 15 -5.28 -0.30 -25.82
CA LYS A 15 -5.29 -1.18 -26.99
C LYS A 15 -5.10 -2.67 -26.74
N GLU A 16 -4.21 -3.00 -25.83
CA GLU A 16 -4.05 -4.35 -25.32
C GLU A 16 -5.40 -4.98 -24.98
N MET A 17 -6.33 -4.14 -24.51
CA MET A 17 -7.56 -4.56 -23.85
C MET A 17 -8.78 -4.32 -24.66
N THR A 18 -8.64 -4.04 -25.95
CA THR A 18 -9.79 -3.81 -26.80
C THR A 18 -10.74 -5.01 -26.91
N LYS A 19 -10.23 -6.21 -27.12
CA LYS A 19 -11.18 -7.31 -27.26
C LYS A 19 -12.07 -7.50 -26.03
N THR A 20 -11.54 -7.32 -24.83
CA THR A 20 -12.38 -7.45 -23.64
C THR A 20 -13.33 -6.28 -23.54
N LEU A 21 -12.84 -5.06 -23.75
CA LEU A 21 -13.72 -3.86 -23.71
C LEU A 21 -14.82 -3.91 -24.76
N GLU A 22 -14.57 -4.49 -25.92
CA GLU A 22 -15.69 -4.67 -26.85
C GLU A 22 -16.73 -5.65 -26.31
N GLU A 23 -16.30 -6.75 -25.69
CA GLU A 23 -17.23 -7.71 -25.07
C GLU A 23 -18.04 -7.07 -23.98
N ILE A 24 -17.41 -6.34 -23.07
CA ILE A 24 -18.16 -5.68 -21.99
C ILE A 24 -19.17 -4.72 -22.56
N THR A 25 -18.76 -3.97 -23.58
CA THR A 25 -19.69 -3.16 -24.37
C THR A 25 -20.86 -3.92 -24.97
N ARG A 26 -20.67 -5.03 -25.64
CA ARG A 26 -21.86 -5.80 -26.09
C ARG A 26 -22.78 -6.26 -24.93
N ASP A 27 -22.23 -6.70 -23.82
CA ASP A 27 -23.06 -7.02 -22.66
C ASP A 27 -23.87 -5.81 -22.18
N PHE A 28 -23.32 -4.60 -22.21
CA PHE A 28 -24.05 -3.36 -21.87
C PHE A 28 -25.11 -2.93 -22.93
N GLU A 29 -24.81 -3.07 -24.22
CA GLU A 29 -25.85 -2.85 -25.25
C GLU A 29 -26.99 -3.89 -25.25
N LYS A 30 -26.67 -5.09 -24.78
CA LYS A 30 -27.62 -6.18 -24.67
C LYS A 30 -28.61 -5.93 -23.52
N GLU A 31 -28.18 -5.21 -22.49
CA GLU A 31 -29.00 -4.93 -21.32
C GLU A 31 -29.61 -3.52 -21.38
N ASN A 32 -29.18 -2.72 -22.35
CA ASN A 32 -29.76 -1.39 -22.61
C ASN A 32 -30.11 -1.32 -24.08
N PRO A 33 -31.23 -1.93 -24.44
CA PRO A 33 -31.40 -2.16 -25.86
C PRO A 33 -31.68 -0.90 -26.62
N LYS A 34 -31.80 0.24 -25.94
CA LYS A 34 -32.03 1.55 -26.58
C LYS A 34 -30.76 2.37 -26.66
N ILE A 35 -29.62 1.77 -26.29
CA ILE A 35 -28.32 2.44 -26.35
C ILE A 35 -27.34 1.64 -27.24
N LYS A 36 -26.54 2.37 -28.01
CA LYS A 36 -25.41 1.79 -28.71
C LYS A 36 -24.14 2.58 -28.41
N VAL A 37 -23.01 1.89 -28.49
CA VAL A 37 -21.72 2.43 -28.09
C VAL A 37 -20.65 2.16 -29.14
N LYS A 38 -20.22 3.21 -29.83
CA LYS A 38 -19.02 3.16 -30.64
C LYS A 38 -17.77 3.10 -29.77
N VAL A 39 -17.00 2.03 -29.92
CA VAL A 39 -15.67 1.95 -29.34
C VAL A 39 -14.75 2.42 -30.46
N VAL A 40 -14.01 3.48 -30.19
CA VAL A 40 -13.17 4.11 -31.20
C VAL A 40 -11.74 3.97 -30.71
N ASN A 41 -10.96 3.17 -31.43
CA ASN A 41 -9.52 2.99 -31.20
C ASN A 41 -8.84 3.54 -32.42
N VAL A 42 -8.21 4.71 -32.32
CA VAL A 42 -7.44 5.25 -33.46
C VAL A 42 -5.96 5.22 -33.14
N PRO A 43 -5.15 5.27 -34.21
CA PRO A 43 -3.72 5.63 -34.10
C PRO A 43 -3.50 7.07 -33.56
N ASN A 44 -2.38 7.25 -32.88
CA ASN A 44 -1.93 8.54 -32.31
C ASN A 44 -3.08 9.16 -31.50
N ALA A 45 -3.72 8.32 -30.73
CA ALA A 45 -4.88 8.74 -29.98
C ALA A 45 -4.61 10.01 -29.19
N GLY A 46 -3.43 10.13 -28.58
CA GLY A 46 -3.12 11.23 -27.67
C GLY A 46 -3.44 12.55 -28.33
N GLU A 47 -3.11 12.60 -29.63
CA GLU A 47 -3.19 13.78 -30.50
C GLU A 47 -4.50 13.91 -31.21
N VAL A 48 -5.02 12.80 -31.71
CA VAL A 48 -6.35 12.82 -32.33
C VAL A 48 -7.34 13.37 -31.29
N LEU A 49 -7.19 13.03 -30.04
CA LEU A 49 -8.08 13.58 -29.01
C LEU A 49 -7.84 15.07 -28.75
N LYS A 50 -6.58 15.50 -28.81
CA LYS A 50 -6.25 16.88 -28.56
C LYS A 50 -6.87 17.76 -29.63
N THR A 51 -6.98 17.24 -30.86
CA THR A 51 -7.59 17.99 -31.98
C THR A 51 -9.09 18.17 -31.79
N ARG A 52 -9.72 17.05 -31.47
CA ARG A 52 -11.16 16.99 -31.30
C ARG A 52 -11.63 17.89 -30.16
N VAL A 53 -10.81 18.03 -29.12
CA VAL A 53 -11.18 18.80 -27.93
C VAL A 53 -11.12 20.30 -28.21
N LEU A 54 -10.11 20.74 -28.95
CA LEU A 54 -10.02 22.13 -29.37
C LEU A 54 -11.13 22.49 -30.36
N ALA A 55 -11.60 21.49 -31.10
CA ALA A 55 -12.64 21.67 -32.11
C ALA A 55 -14.07 21.44 -31.60
N GLY A 56 -14.27 21.53 -30.29
CA GLY A 56 -15.57 21.17 -29.64
C GLY A 56 -16.22 19.78 -29.87
N ASP A 57 -15.49 18.79 -30.40
CA ASP A 57 -16.04 17.48 -30.81
C ASP A 57 -15.60 16.35 -29.84
N VAL A 58 -15.92 16.51 -28.57
CA VAL A 58 -15.38 15.61 -27.60
C VAL A 58 -16.18 14.32 -27.63
N PRO A 59 -15.50 13.17 -27.62
CA PRO A 59 -16.28 11.95 -27.60
C PRO A 59 -17.05 11.84 -26.26
N ASP A 60 -18.17 11.12 -26.28
CA ASP A 60 -19.10 11.13 -25.17
C ASP A 60 -18.44 10.61 -23.87
N VAL A 61 -17.73 9.50 -23.94
CA VAL A 61 -16.95 9.07 -22.80
C VAL A 61 -15.57 9.01 -23.31
N VAL A 62 -14.60 9.39 -22.50
CA VAL A 62 -13.21 9.36 -22.98
C VAL A 62 -12.29 8.66 -22.03
N ASN A 63 -11.43 7.82 -22.57
CA ASN A 63 -10.44 7.22 -21.75
C ASN A 63 -9.30 8.17 -21.74
N ILE A 64 -9.16 8.94 -20.67
CA ILE A 64 -8.13 9.95 -20.53
C ILE A 64 -7.39 9.72 -19.19
N TYR A 65 -6.07 9.77 -19.22
CA TYR A 65 -5.28 9.39 -18.08
C TYR A 65 -5.24 10.59 -17.18
N PRO A 66 -5.66 10.41 -15.91
CA PRO A 66 -6.09 11.45 -15.01
C PRO A 66 -5.04 12.34 -14.41
N GLN A 67 -3.78 12.03 -14.69
CA GLN A 67 -2.66 12.84 -14.23
C GLN A 67 -2.17 13.80 -15.34
N SER A 68 -2.68 13.60 -16.54
CA SER A 68 -2.27 14.39 -17.70
C SER A 68 -2.50 15.91 -17.53
N ILE A 69 -1.66 16.70 -18.20
CA ILE A 69 -1.96 18.13 -18.30
C ILE A 69 -3.29 18.29 -18.98
N GLU A 70 -3.52 17.50 -20.02
CA GLU A 70 -4.67 17.76 -20.87
C GLU A 70 -5.91 17.67 -20.02
N LEU A 71 -6.02 16.58 -19.27
CA LEU A 71 -7.09 16.49 -18.32
C LEU A 71 -7.18 17.74 -17.46
N GLN A 72 -6.08 18.11 -16.83
CA GLN A 72 -6.04 19.25 -15.86
C GLN A 72 -6.50 20.55 -16.48
N GLU A 73 -5.94 20.86 -17.64
CA GLU A 73 -6.38 22.00 -18.42
C GLU A 73 -7.83 21.94 -18.78
N TRP A 74 -8.24 20.82 -19.40
CA TRP A 74 -9.60 20.67 -19.96
C TRP A 74 -10.67 20.58 -18.89
N ALA A 75 -10.25 20.12 -17.72
CA ALA A 75 -11.17 20.00 -16.60
C ALA A 75 -11.55 21.42 -16.22
N LYS A 76 -10.51 22.23 -16.06
CA LYS A 76 -10.57 23.64 -15.69
C LYS A 76 -11.32 24.53 -16.76
N ALA A 77 -11.37 24.05 -18.00
CA ALA A 77 -12.01 24.78 -19.10
C ALA A 77 -13.37 24.18 -19.36
N GLY A 78 -13.80 23.32 -18.47
CA GLY A 78 -15.18 22.88 -18.48
C GLY A 78 -15.57 21.84 -19.53
N VAL A 79 -14.60 21.13 -20.06
CA VAL A 79 -14.85 20.13 -21.09
C VAL A 79 -15.47 18.83 -20.59
N PHE A 80 -15.32 18.53 -19.30
CA PHE A 80 -15.79 17.23 -18.74
C PHE A 80 -16.77 17.49 -17.61
N GLU A 81 -17.73 16.59 -17.45
CA GLU A 81 -18.71 16.72 -16.38
C GLU A 81 -18.08 16.49 -14.99
N ASP A 82 -18.61 17.26 -14.03
CA ASP A 82 -18.30 17.08 -12.62
C ASP A 82 -19.02 15.81 -12.13
N LEU A 83 -18.25 14.86 -11.60
CA LEU A 83 -18.75 13.58 -11.17
C LEU A 83 -18.81 13.52 -9.67
N SER A 84 -18.41 14.57 -8.98
CA SER A 84 -18.16 14.49 -7.54
C SER A 84 -19.34 13.92 -6.81
N ASN A 85 -20.52 14.28 -7.30
CA ASN A 85 -21.75 13.99 -6.61
C ASN A 85 -22.56 12.97 -7.37
N LYS A 86 -21.87 12.01 -7.95
CA LYS A 86 -22.49 10.82 -8.45
C LYS A 86 -22.41 9.69 -7.44
N ASP A 87 -23.32 8.74 -7.61
CA ASP A 87 -23.40 7.59 -6.75
C ASP A 87 -22.35 6.55 -7.07
N TYR A 88 -22.28 6.11 -8.33
CA TYR A 88 -21.30 5.08 -8.65
C TYR A 88 -19.89 5.42 -8.10
N LEU A 89 -19.60 6.71 -8.04
CA LEU A 89 -18.32 7.26 -7.61
C LEU A 89 -17.89 6.84 -6.22
N LYS A 90 -18.88 6.43 -5.43
CA LYS A 90 -18.70 5.88 -4.13
C LYS A 90 -18.08 4.50 -4.19
N ARG A 91 -18.19 3.83 -5.33
CA ARG A 91 -17.65 2.48 -5.46
C ARG A 91 -16.17 2.51 -5.69
N VAL A 92 -15.63 3.68 -6.05
CA VAL A 92 -14.18 3.91 -6.10
C VAL A 92 -13.63 4.05 -4.68
N LYS A 93 -12.47 3.47 -4.40
CA LYS A 93 -11.90 3.53 -3.08
C LYS A 93 -10.43 3.88 -3.09
N ASN A 94 -9.85 4.09 -1.90
CA ASN A 94 -8.51 4.66 -1.76
C ASN A 94 -8.52 6.14 -2.14
N GLY A 95 -9.66 6.79 -1.90
CA GLY A 95 -9.87 8.20 -2.25
C GLY A 95 -9.13 8.51 -3.52
N TYR A 96 -9.34 7.61 -4.48
CA TYR A 96 -8.57 7.53 -5.70
C TYR A 96 -9.18 8.40 -6.81
N ALA A 97 -10.49 8.61 -6.81
CA ALA A 97 -11.02 9.71 -7.57
C ALA A 97 -10.37 11.05 -7.14
N GLU A 98 -10.35 11.32 -5.84
CA GLU A 98 -9.96 12.63 -5.33
C GLU A 98 -8.43 12.87 -5.41
N LYS A 99 -7.68 11.85 -5.80
CA LYS A 99 -6.22 12.00 -5.96
C LYS A 99 -5.90 12.79 -7.21
N TYR A 100 -6.91 12.93 -8.06
CA TYR A 100 -6.83 13.71 -9.32
C TYR A 100 -7.94 14.76 -9.43
N ALA A 101 -8.40 15.23 -8.28
CA ALA A 101 -9.37 16.28 -8.21
C ALA A 101 -8.75 17.53 -8.82
N VAL A 102 -9.60 18.40 -9.35
CA VAL A 102 -9.19 19.65 -9.97
C VAL A 102 -10.07 20.80 -9.43
N ASN A 103 -9.50 21.66 -8.59
CA ASN A 103 -10.26 22.61 -7.74
C ASN A 103 -11.24 21.88 -6.84
N GLU A 104 -10.78 20.80 -6.20
CA GLU A 104 -11.63 19.94 -5.36
C GLU A 104 -12.87 19.37 -6.07
N LYS A 105 -12.83 19.23 -7.38
CA LYS A 105 -13.95 18.60 -8.07
C LYS A 105 -13.38 17.44 -8.85
N VAL A 106 -14.04 16.28 -8.79
CA VAL A 106 -13.59 15.08 -9.54
C VAL A 106 -14.15 15.11 -10.97
N TYR A 107 -13.32 14.79 -11.96
CA TYR A 107 -13.76 14.77 -13.36
C TYR A 107 -13.39 13.47 -14.13
N ASN A 108 -12.96 12.42 -13.42
CA ASN A 108 -12.41 11.23 -14.05
C ASN A 108 -12.58 10.08 -13.11
N VAL A 109 -13.27 9.03 -13.53
CA VAL A 109 -13.36 7.81 -12.76
C VAL A 109 -12.17 6.96 -13.10
N PRO A 110 -11.18 6.84 -12.17
CA PRO A 110 -10.01 6.01 -12.44
C PRO A 110 -10.24 4.60 -11.88
N PHE A 111 -10.66 3.69 -12.77
CA PHE A 111 -11.00 2.34 -12.38
C PHE A 111 -9.79 1.49 -11.86
N THR A 112 -8.68 1.51 -12.60
CA THR A 112 -7.50 0.67 -12.35
C THR A 112 -6.34 1.59 -12.36
N ALA A 113 -5.22 1.18 -11.81
CA ALA A 113 -4.06 2.04 -11.82
C ALA A 113 -2.88 1.19 -12.24
N ASN A 114 -2.08 1.70 -13.17
CA ASN A 114 -0.96 0.99 -13.73
C ASN A 114 0.31 1.18 -12.87
N ALA A 115 1.42 0.58 -13.29
CA ALA A 115 2.66 0.49 -12.50
C ALA A 115 3.77 0.11 -13.44
N TYR A 116 5.01 0.23 -12.98
CA TYR A 116 6.12 0.04 -13.90
C TYR A 116 7.20 -0.70 -13.16
N GLY A 117 7.87 -1.55 -13.93
CA GLY A 117 8.87 -2.47 -13.42
C GLY A 117 9.48 -3.34 -14.51
N ILE A 118 10.28 -4.31 -14.11
CA ILE A 118 10.84 -5.24 -15.05
C ILE A 118 9.96 -6.52 -14.97
N TYR A 119 9.73 -7.15 -16.12
CA TYR A 119 9.11 -8.46 -16.25
C TYR A 119 10.29 -9.36 -16.38
N TYR A 120 10.24 -10.57 -15.81
CA TYR A 120 11.36 -11.48 -15.89
C TYR A 120 10.86 -12.90 -15.98
N ASN A 121 11.62 -13.77 -16.63
CA ASN A 121 11.22 -15.17 -16.69
C ASN A 121 11.65 -15.88 -15.41
N LYS A 122 10.71 -16.37 -14.61
CA LYS A 122 11.02 -17.00 -13.32
C LYS A 122 11.79 -18.32 -13.47
N ASP A 123 11.30 -19.16 -14.39
CA ASP A 123 11.91 -20.47 -14.73
C ASP A 123 13.37 -20.38 -15.19
N LYS A 124 13.64 -19.48 -16.12
CA LYS A 124 15.01 -19.15 -16.50
C LYS A 124 15.85 -18.78 -15.28
N PHE A 125 15.44 -17.72 -14.58
CA PHE A 125 16.21 -17.26 -13.41
C PHE A 125 16.48 -18.43 -12.44
N GLU A 126 15.49 -19.29 -12.28
CA GLU A 126 15.69 -20.45 -11.43
C GLU A 126 16.83 -21.27 -12.00
N GLU A 127 16.71 -21.65 -13.26
CA GLU A 127 17.74 -22.45 -13.93
C GLU A 127 19.16 -21.85 -13.90
N LEU A 128 19.28 -20.53 -13.82
CA LEU A 128 20.58 -19.89 -13.89
C LEU A 128 21.15 -19.43 -12.50
N GLY A 129 20.47 -19.76 -11.42
CA GLY A 129 21.00 -19.46 -10.10
C GLY A 129 20.94 -18.01 -9.74
N LEU A 130 20.10 -17.28 -10.48
CA LEU A 130 19.97 -15.80 -10.41
C LEU A 130 18.75 -15.38 -9.58
N LYS A 131 18.83 -14.19 -8.99
CA LYS A 131 17.76 -13.69 -8.11
C LYS A 131 17.35 -12.28 -8.49
N VAL A 132 16.09 -11.94 -8.19
CA VAL A 132 15.61 -10.55 -8.28
C VAL A 132 16.65 -9.64 -7.56
N PRO A 133 17.01 -8.48 -8.17
CA PRO A 133 17.97 -7.52 -7.60
C PRO A 133 17.34 -6.47 -6.71
N GLU A 134 18.13 -5.96 -5.75
CA GLU A 134 17.66 -5.01 -4.74
C GLU A 134 18.53 -3.76 -4.59
N THR A 135 19.67 -3.77 -5.27
CA THR A 135 20.47 -2.58 -5.43
C THR A 135 20.73 -2.38 -6.91
N TRP A 136 21.07 -1.14 -7.28
CA TRP A 136 21.49 -0.85 -8.66
C TRP A 136 22.64 -1.78 -8.98
N ASP A 137 23.66 -1.79 -8.12
CA ASP A 137 24.82 -2.67 -8.26
C ASP A 137 24.44 -4.14 -8.52
N GLU A 138 23.67 -4.74 -7.66
CA GLU A 138 23.15 -6.07 -7.97
C GLU A 138 22.48 -6.15 -9.35
N PHE A 139 21.63 -5.20 -9.68
CA PHE A 139 21.04 -5.16 -11.03
C PHE A 139 22.06 -5.11 -12.19
N GLU A 140 23.06 -4.25 -12.10
CA GLU A 140 24.17 -4.31 -13.07
C GLU A 140 24.57 -5.79 -13.12
N GLN A 141 25.05 -6.30 -12.00
CA GLN A 141 25.70 -7.62 -11.95
C GLN A 141 24.74 -8.72 -12.45
N LEU A 142 23.44 -8.52 -12.26
CA LEU A 142 22.45 -9.43 -12.84
C LEU A 142 22.58 -9.49 -14.34
N VAL A 143 22.48 -8.34 -14.99
CA VAL A 143 22.52 -8.28 -16.44
C VAL A 143 23.79 -8.95 -16.98
N LYS A 144 24.94 -8.66 -16.35
CA LYS A 144 26.23 -9.24 -16.78
C LYS A 144 26.29 -10.70 -16.54
N ASP A 145 25.67 -11.18 -15.46
CA ASP A 145 25.66 -12.64 -15.20
C ASP A 145 24.87 -13.44 -16.25
N ILE A 146 23.80 -12.83 -16.75
CA ILE A 146 23.00 -13.41 -17.84
C ILE A 146 23.77 -13.34 -19.15
N VAL A 147 24.57 -12.32 -19.35
CA VAL A 147 25.26 -12.25 -20.61
C VAL A 147 26.20 -13.43 -20.59
N ALA A 148 27.07 -13.51 -19.59
CA ALA A 148 28.05 -14.61 -19.51
C ALA A 148 27.42 -16.00 -19.43
N LYS A 149 26.12 -16.16 -19.14
CA LYS A 149 25.52 -17.51 -19.20
C LYS A 149 24.91 -17.78 -20.55
N GLY A 150 25.29 -16.97 -21.54
CA GLY A 150 24.90 -17.17 -22.94
C GLY A 150 23.54 -16.66 -23.41
N GLN A 151 22.75 -16.06 -22.53
CA GLN A 151 21.39 -15.65 -22.83
C GLN A 151 21.24 -14.13 -22.99
N THR A 152 20.11 -13.63 -23.50
CA THR A 152 19.93 -12.18 -23.68
C THR A 152 19.12 -11.61 -22.53
N PRO A 153 19.74 -10.73 -21.76
CA PRO A 153 18.99 -10.17 -20.67
C PRO A 153 17.73 -9.42 -21.07
N PHE A 154 17.83 -8.44 -21.99
CA PHE A 154 16.72 -7.43 -22.19
C PHE A 154 16.11 -7.42 -23.57
N GLY A 155 14.81 -7.30 -23.63
CA GLY A 155 14.15 -6.99 -24.88
C GLY A 155 13.76 -5.51 -24.84
N ILE A 156 14.48 -4.68 -25.57
CA ILE A 156 14.08 -3.30 -25.75
C ILE A 156 13.42 -2.91 -27.09
N ALA A 157 12.38 -2.09 -27.03
CA ALA A 157 11.62 -1.77 -28.23
C ALA A 157 12.08 -0.46 -28.83
N GLY A 158 13.24 -0.49 -29.44
CA GLY A 158 13.93 0.72 -29.87
C GLY A 158 13.23 1.67 -30.85
N ALA A 159 12.08 1.26 -31.44
CA ALA A 159 11.23 2.22 -32.26
C ALA A 159 10.21 2.99 -31.41
N ASP A 160 9.96 2.44 -30.20
CA ASP A 160 8.80 2.76 -29.35
C ASP A 160 9.35 3.31 -28.04
N ALA A 161 9.72 4.58 -28.10
CA ALA A 161 10.46 5.23 -27.02
C ALA A 161 9.67 5.25 -25.71
N TRP A 162 8.35 5.41 -25.79
CA TRP A 162 7.58 5.47 -24.55
C TRP A 162 7.80 4.24 -23.60
N THR A 163 8.08 3.05 -24.12
CA THR A 163 8.17 1.91 -23.25
C THR A 163 9.16 2.17 -22.16
N LEU A 164 10.05 3.16 -22.32
CA LEU A 164 11.10 3.42 -21.32
C LEU A 164 10.90 4.68 -20.48
N ASN A 165 9.78 5.36 -20.71
CA ASN A 165 9.41 6.54 -19.91
C ASN A 165 9.46 6.26 -18.41
N GLY A 166 8.77 5.20 -18.01
CA GLY A 166 8.70 4.88 -16.60
C GLY A 166 10.05 4.50 -16.05
N TYR A 167 10.91 3.95 -16.89
CA TYR A 167 12.24 3.53 -16.42
C TYR A 167 13.09 4.72 -15.94
N ASN A 168 13.40 5.60 -16.86
CA ASN A 168 14.18 6.80 -16.60
C ASN A 168 13.54 7.75 -15.55
N GLN A 169 12.20 7.75 -15.47
CA GLN A 169 11.57 8.47 -14.35
C GLN A 169 12.04 7.80 -13.06
N LEU A 170 11.87 6.49 -12.99
CA LEU A 170 12.24 5.75 -11.78
C LEU A 170 13.71 5.86 -11.48
N ALA A 171 14.51 5.97 -12.54
CA ALA A 171 15.95 6.28 -12.38
C ALA A 171 16.19 7.59 -11.56
N PHE A 172 15.54 8.70 -11.92
CA PHE A 172 15.75 9.94 -11.15
C PHE A 172 15.03 9.81 -9.84
N ALA A 173 13.91 9.10 -9.89
CA ALA A 173 13.05 8.98 -8.74
C ALA A 173 13.79 8.29 -7.56
N THR A 174 14.27 7.05 -7.79
CA THR A 174 15.07 6.31 -6.80
C THR A 174 16.37 7.02 -6.49
N ALA A 175 16.84 7.77 -7.49
CA ALA A 175 18.07 8.52 -7.39
C ALA A 175 17.98 9.76 -6.47
N THR A 176 16.78 10.30 -6.22
CA THR A 176 16.67 11.48 -5.36
C THR A 176 15.91 11.22 -4.07
N GLY A 177 15.08 10.19 -4.07
CA GLY A 177 14.25 9.86 -2.92
C GLY A 177 12.76 9.67 -3.22
N GLY A 178 12.30 10.06 -4.41
CA GLY A 178 10.88 10.05 -4.71
C GLY A 178 10.52 11.04 -5.81
N GLY A 179 9.23 11.20 -6.04
CA GLY A 179 8.74 12.04 -7.15
C GLY A 179 8.94 13.54 -6.96
N LYS A 180 8.47 14.07 -5.84
CA LYS A 180 8.62 15.49 -5.56
C LYS A 180 10.08 15.95 -5.72
N GLU A 181 11.00 15.09 -5.31
CA GLU A 181 12.44 15.38 -5.33
C GLU A 181 13.01 15.36 -6.73
N ALA A 182 12.61 14.35 -7.51
CA ALA A 182 13.01 14.27 -8.90
C ALA A 182 12.61 15.54 -9.65
N ASN A 183 11.35 15.92 -9.55
CA ASN A 183 10.88 17.13 -10.22
C ASN A 183 11.53 18.38 -9.66
N GLN A 184 11.85 18.40 -8.39
CA GLN A 184 12.58 19.54 -7.87
C GLN A 184 13.97 19.61 -8.50
N TYR A 185 14.54 18.45 -8.85
CA TYR A 185 15.80 18.42 -9.59
C TYR A 185 15.63 18.83 -11.08
N LEU A 186 14.69 18.19 -11.78
CA LEU A 186 14.48 18.43 -13.20
C LEU A 186 13.72 19.76 -13.54
N ARG A 187 12.63 20.01 -12.83
CA ARG A 187 11.58 20.89 -13.35
C ARG A 187 11.45 22.20 -12.60
N TYR A 188 11.46 22.17 -11.27
CA TYR A 188 11.28 23.41 -10.49
C TYR A 188 12.60 24.09 -10.05
N SER A 189 13.72 23.63 -10.64
CA SER A 189 15.06 24.21 -10.48
C SER A 189 15.33 25.36 -11.48
N GLN A 190 16.52 25.97 -11.37
CA GLN A 190 16.87 27.09 -12.25
C GLN A 190 16.97 26.67 -13.71
N PRO A 191 16.87 27.61 -14.66
CA PRO A 191 17.18 27.20 -16.03
C PRO A 191 18.65 26.74 -16.21
N ASN A 192 18.84 25.78 -17.11
CA ASN A 192 20.13 25.14 -17.32
C ASN A 192 20.77 24.51 -16.07
N ALA A 193 20.00 24.29 -15.02
CA ALA A 193 20.52 23.69 -13.75
C ALA A 193 21.19 22.31 -13.88
N ILE A 194 20.58 21.44 -14.69
CA ILE A 194 20.98 20.01 -14.81
C ILE A 194 22.34 19.86 -15.48
N LYS A 195 23.37 19.59 -14.70
CA LYS A 195 24.72 19.47 -15.28
C LYS A 195 25.17 18.02 -15.24
N LEU A 196 26.10 17.62 -16.10
CA LEU A 196 26.58 16.23 -16.15
C LEU A 196 27.36 15.82 -14.89
N SER A 197 27.70 16.81 -14.06
CA SER A 197 28.56 16.59 -12.91
C SER A 197 27.73 16.35 -11.66
N ASP A 198 26.46 16.73 -11.67
CA ASP A 198 25.63 16.57 -10.49
C ASP A 198 25.71 15.09 -10.11
N PRO A 199 25.86 14.77 -8.81
CA PRO A 199 25.73 13.38 -8.34
C PRO A 199 24.41 12.75 -8.69
N ILE A 200 23.35 13.54 -8.72
CA ILE A 200 22.07 13.02 -9.21
C ILE A 200 22.22 12.52 -10.63
N MET A 201 22.75 13.39 -11.46
CA MET A 201 22.82 13.09 -12.86
C MET A 201 23.71 11.86 -13.05
N LYS A 202 24.72 11.69 -12.18
CA LYS A 202 25.64 10.55 -12.30
C LYS A 202 24.97 9.25 -11.97
N ASP A 203 23.97 9.27 -11.07
CA ASP A 203 23.17 8.05 -10.74
C ASP A 203 22.14 7.68 -11.83
N ASP A 204 21.43 8.69 -12.33
CA ASP A 204 20.60 8.50 -13.51
C ASP A 204 21.31 7.79 -14.62
N ILE A 205 22.54 8.20 -14.87
CA ILE A 205 23.33 7.60 -15.92
C ILE A 205 23.85 6.23 -15.49
N LYS A 206 24.07 6.04 -14.20
CA LYS A 206 24.39 4.68 -13.74
C LYS A 206 23.19 3.78 -14.00
N VAL A 207 21.99 4.26 -13.69
CA VAL A 207 20.82 3.41 -13.84
C VAL A 207 20.47 3.14 -15.32
N MET A 208 20.56 4.15 -16.18
CA MET A 208 20.33 3.97 -17.59
C MET A 208 21.36 3.04 -18.21
N ASP A 209 22.62 3.22 -17.80
CA ASP A 209 23.77 2.49 -18.37
C ASP A 209 23.61 0.99 -18.24
N ILE A 210 22.83 0.54 -17.25
CA ILE A 210 22.37 -0.84 -17.18
C ILE A 210 21.76 -1.34 -18.51
N LEU A 211 21.03 -0.47 -19.21
CA LEU A 211 20.46 -0.85 -20.51
C LEU A 211 21.49 -0.79 -21.64
N ARG A 212 22.70 -0.33 -21.34
CA ARG A 212 23.73 -0.36 -22.32
C ARG A 212 24.79 -1.38 -22.06
N ILE A 213 24.66 -2.24 -21.04
CA ILE A 213 25.72 -3.20 -20.71
C ILE A 213 25.99 -4.04 -21.98
N ASN A 214 27.25 -4.33 -22.25
CA ASN A 214 27.59 -4.99 -23.49
C ASN A 214 26.91 -6.34 -23.54
N GLY A 215 26.17 -6.58 -24.62
CA GLY A 215 25.49 -7.85 -24.87
C GLY A 215 24.10 -7.89 -24.29
N SER A 216 23.58 -6.74 -23.92
CA SER A 216 22.44 -6.68 -23.06
C SER A 216 21.11 -6.68 -23.80
N LYS A 217 21.08 -6.25 -25.06
CA LYS A 217 19.81 -6.23 -25.80
C LYS A 217 19.79 -7.22 -26.92
N GLN A 218 18.57 -7.57 -27.35
CA GLN A 218 18.34 -8.58 -28.38
C GLN A 218 18.85 -8.17 -29.76
N LYS A 219 19.11 -9.17 -30.57
CA LYS A 219 19.52 -8.90 -31.93
C LYS A 219 18.50 -7.93 -32.52
N ASN A 220 18.98 -6.84 -33.08
CA ASN A 220 18.19 -6.00 -33.98
C ASN A 220 17.11 -5.21 -33.24
N TRP A 221 17.47 -4.71 -32.06
CA TRP A 221 16.50 -4.09 -31.18
C TRP A 221 16.16 -2.72 -31.64
N GLU A 222 17.09 -2.08 -32.36
CA GLU A 222 16.98 -0.61 -32.63
C GLU A 222 15.69 -0.20 -33.39
N GLY A 223 15.18 -1.14 -34.18
CA GLY A 223 13.91 -1.00 -34.87
C GLY A 223 12.76 -1.90 -34.40
N ALA A 224 12.90 -2.50 -33.22
CA ALA A 224 11.87 -3.39 -32.66
C ALA A 224 10.86 -2.52 -31.97
N GLY A 225 9.59 -2.85 -32.16
CA GLY A 225 8.48 -2.16 -31.49
C GLY A 225 7.97 -2.92 -30.28
N TYR A 226 7.01 -2.35 -29.57
CA TYR A 226 6.28 -3.01 -28.53
C TYR A 226 6.02 -4.49 -28.77
N THR A 227 5.29 -4.79 -29.83
CA THR A 227 4.75 -6.14 -29.99
C THR A 227 5.85 -7.15 -30.25
N ASP A 228 6.85 -6.71 -31.01
CA ASP A 228 8.07 -7.50 -31.25
C ASP A 228 8.66 -7.91 -29.90
N VAL A 229 8.87 -6.95 -29.02
CA VAL A 229 9.53 -7.22 -27.77
C VAL A 229 8.62 -8.11 -26.97
N ILE A 230 7.33 -7.89 -27.04
CA ILE A 230 6.39 -8.68 -26.26
C ILE A 230 6.47 -10.13 -26.70
N GLY A 231 6.56 -10.33 -28.01
CA GLY A 231 6.80 -11.67 -28.56
C GLY A 231 8.12 -12.30 -28.10
N ALA A 232 9.19 -11.52 -28.08
CA ALA A 232 10.47 -12.05 -27.65
C ALA A 232 10.31 -12.51 -26.21
N PHE A 233 9.80 -11.65 -25.34
CA PHE A 233 9.76 -12.04 -23.96
C PHE A 233 8.97 -13.35 -23.82
N ALA A 234 7.77 -13.35 -24.37
CA ALA A 234 6.89 -14.51 -24.40
C ALA A 234 7.55 -15.82 -24.81
N ARG A 235 8.45 -15.77 -25.78
CA ARG A 235 9.11 -16.99 -26.31
C ARG A 235 10.35 -17.48 -25.51
N GLY A 236 10.89 -16.60 -24.67
CA GLY A 236 12.07 -16.90 -23.90
C GLY A 236 13.31 -16.51 -24.66
N ASP A 237 13.11 -15.81 -25.79
CA ASP A 237 14.22 -15.17 -26.57
C ASP A 237 15.04 -14.15 -25.76
N VAL A 238 14.34 -13.43 -24.86
CA VAL A 238 14.94 -12.49 -23.87
C VAL A 238 14.49 -12.88 -22.45
N LEU A 239 15.28 -12.53 -21.46
CA LEU A 239 14.90 -12.90 -20.10
C LEU A 239 14.06 -11.87 -19.37
N MET A 240 14.16 -10.61 -19.71
CA MET A 240 13.43 -9.60 -18.97
C MET A 240 13.00 -8.52 -19.95
N THR A 241 12.01 -7.73 -19.58
CA THR A 241 11.70 -6.54 -20.33
C THR A 241 11.08 -5.47 -19.43
N PRO A 242 11.61 -4.21 -19.47
CA PRO A 242 11.17 -3.10 -18.63
C PRO A 242 9.98 -2.47 -19.31
N ASN A 243 8.88 -2.38 -18.58
CA ASN A 243 7.59 -2.06 -19.13
C ASN A 243 6.64 -1.98 -17.99
N GLY A 244 5.35 -1.81 -18.28
CA GLY A 244 4.33 -1.53 -17.27
C GLY A 244 3.20 -2.54 -17.27
N SER A 245 2.43 -2.48 -16.21
CA SER A 245 1.47 -3.53 -15.96
C SER A 245 0.55 -3.82 -17.11
N TRP A 246 0.50 -2.92 -18.05
CA TRP A 246 -0.48 -2.97 -19.15
C TRP A 246 -0.11 -4.12 -20.12
N ALA A 247 1.20 -4.37 -20.26
CA ALA A 247 1.77 -5.41 -21.13
C ALA A 247 1.39 -6.83 -20.71
N ILE A 248 1.19 -7.07 -19.43
CA ILE A 248 0.85 -8.40 -19.06
C ILE A 248 -0.22 -9.08 -20.02
N THR A 249 -1.29 -8.37 -20.38
CA THR A 249 -2.33 -9.03 -21.18
C THR A 249 -1.76 -9.54 -22.46
N ALA A 250 -0.98 -8.65 -23.09
CA ALA A 250 -0.35 -8.97 -24.37
C ALA A 250 0.64 -10.12 -24.16
N ILE A 251 1.35 -10.09 -23.04
CA ILE A 251 2.25 -11.22 -22.75
C ILE A 251 1.49 -12.50 -22.55
N ASN A 252 0.37 -12.52 -21.82
CA ASN A 252 -0.32 -13.79 -21.61
C ASN A 252 -0.98 -14.34 -22.92
N GLU A 253 -1.30 -13.43 -23.83
CA GLU A 253 -1.90 -13.81 -25.11
C GLU A 253 -0.99 -14.74 -25.89
N GLN A 254 0.30 -14.44 -25.91
CA GLN A 254 1.25 -15.20 -26.73
C GLN A 254 1.54 -16.59 -26.14
N LYS A 255 0.75 -16.96 -25.14
CA LYS A 255 0.91 -18.22 -24.43
C LYS A 255 2.24 -18.76 -23.96
N PRO A 256 3.07 -17.89 -23.40
CA PRO A 256 4.35 -18.35 -22.85
C PRO A 256 4.47 -19.64 -22.03
N ASN A 257 5.60 -20.34 -22.11
CA ASN A 257 5.73 -21.71 -21.53
C ASN A 257 6.51 -21.76 -20.19
N PHE A 258 6.44 -20.63 -19.50
CA PHE A 258 7.14 -20.38 -18.27
C PHE A 258 6.34 -19.39 -17.46
N LYS A 259 6.51 -19.41 -16.14
CA LYS A 259 5.84 -18.48 -15.25
C LYS A 259 6.56 -17.14 -15.21
N ILE A 260 5.79 -16.06 -15.26
CA ILE A 260 6.35 -14.72 -15.34
C ILE A 260 6.46 -14.15 -13.95
N GLY A 261 7.56 -13.50 -13.64
CA GLY A 261 7.57 -12.62 -12.49
C GLY A 261 7.80 -11.19 -12.91
N THR A 262 7.63 -10.30 -11.96
CA THR A 262 8.04 -8.93 -12.11
C THR A 262 8.92 -8.49 -10.94
N PHE A 263 9.65 -7.40 -11.08
CA PHE A 263 10.18 -6.68 -9.89
C PHE A 263 10.28 -5.18 -10.06
N MET A 264 10.30 -4.45 -8.95
CA MET A 264 10.54 -3.00 -8.94
C MET A 264 11.98 -2.72 -9.19
N ILE A 265 12.19 -1.70 -10.00
CA ILE A 265 13.53 -1.16 -10.21
C ILE A 265 14.05 -0.69 -8.87
N PRO A 266 15.24 -1.13 -8.48
CA PRO A 266 15.76 -0.84 -7.15
C PRO A 266 16.50 0.47 -6.95
N GLY A 267 16.86 0.76 -5.71
CA GLY A 267 17.58 1.97 -5.35
C GLY A 267 19.08 1.73 -5.17
N LYS A 268 19.82 2.76 -4.70
CA LYS A 268 21.24 2.63 -4.42
C LYS A 268 21.42 1.46 -3.43
N GLU A 269 20.57 1.42 -2.40
CA GLU A 269 20.64 0.38 -1.38
C GLU A 269 19.37 -0.46 -1.26
N LYS A 270 19.43 -1.49 -0.43
CA LYS A 270 18.25 -2.36 -0.13
C LYS A 270 17.06 -1.55 0.38
N GLY A 271 15.87 -1.82 -0.14
CA GLY A 271 14.65 -1.20 0.39
C GLY A 271 14.31 0.16 -0.22
N GLN A 272 15.11 0.60 -1.18
CA GLN A 272 14.82 1.89 -1.78
C GLN A 272 13.94 1.84 -3.05
N SER A 273 13.49 0.67 -3.45
CA SER A 273 12.83 0.54 -4.74
C SER A 273 11.48 1.28 -4.88
N LEU A 274 11.18 1.68 -6.11
CA LEU A 274 9.92 2.39 -6.42
C LEU A 274 9.24 1.90 -7.69
N THR A 275 7.94 2.14 -7.74
CA THR A 275 7.23 2.12 -8.99
C THR A 275 6.49 3.44 -9.21
N VAL A 276 6.06 3.60 -10.45
CA VAL A 276 5.43 4.83 -10.89
C VAL A 276 4.24 4.43 -11.75
N GLY A 277 3.23 5.30 -11.74
CA GLY A 277 1.99 5.08 -12.45
C GLY A 277 0.85 5.92 -11.92
N ALA A 278 -0.31 5.73 -12.52
CA ALA A 278 -1.49 6.61 -12.40
C ALA A 278 -2.75 5.83 -12.88
N GLY A 279 -3.93 6.44 -12.86
CA GLY A 279 -5.13 5.79 -13.38
C GLY A 279 -4.88 5.25 -14.77
N ASP A 280 -5.36 4.04 -15.03
CA ASP A 280 -5.03 3.33 -16.25
C ASP A 280 -6.31 3.16 -17.03
N LEU A 281 -7.27 2.35 -16.58
CA LEU A 281 -8.55 2.43 -17.23
C LEU A 281 -9.20 3.56 -16.45
N ALA A 282 -9.26 4.73 -17.09
CA ALA A 282 -9.76 5.93 -16.46
C ALA A 282 -10.59 6.72 -17.44
N TRP A 283 -11.83 7.00 -17.06
CA TRP A 283 -12.88 7.55 -17.88
C TRP A 283 -13.37 8.84 -17.28
N SER A 284 -13.65 9.79 -18.19
CA SER A 284 -14.28 11.07 -17.90
C SER A 284 -15.32 11.30 -18.96
N ILE A 285 -16.32 12.13 -18.65
CA ILE A 285 -17.51 12.29 -19.48
C ILE A 285 -17.62 13.67 -20.07
N SER A 286 -17.95 13.78 -21.36
CA SER A 286 -18.14 15.14 -21.93
C SER A 286 -19.19 15.99 -21.18
N ALA A 287 -18.80 17.23 -20.86
CA ALA A 287 -19.73 18.27 -20.39
C ALA A 287 -20.72 18.68 -21.48
N THR A 288 -20.39 18.43 -22.75
CA THR A 288 -21.25 18.77 -23.90
C THR A 288 -21.88 17.59 -24.67
N THR A 289 -21.79 16.38 -24.13
CA THR A 289 -22.42 15.21 -24.74
C THR A 289 -23.92 15.47 -24.96
N LYS A 290 -24.41 15.18 -26.15
CA LYS A 290 -25.84 15.28 -26.44
C LYS A 290 -26.67 14.36 -25.54
N HIS A 291 -26.05 13.27 -25.10
CA HIS A 291 -26.76 12.18 -24.42
C HIS A 291 -26.18 11.93 -23.02
N PRO A 292 -26.41 12.86 -22.09
CA PRO A 292 -25.71 12.82 -20.79
C PRO A 292 -26.07 11.64 -19.89
N LYS A 293 -27.31 11.19 -19.91
CA LYS A 293 -27.77 10.12 -19.03
C LYS A 293 -27.17 8.75 -19.48
N GLU A 294 -27.25 8.45 -20.77
CA GLU A 294 -26.59 7.28 -21.34
C GLU A 294 -25.09 7.19 -20.98
N ALA A 295 -24.38 8.30 -21.05
CA ALA A 295 -22.93 8.33 -20.74
C ALA A 295 -22.66 7.96 -19.29
N ASN A 296 -23.44 8.44 -18.34
CA ASN A 296 -23.32 7.93 -16.98
C ASN A 296 -23.69 6.44 -16.83
N ALA A 297 -24.55 5.94 -17.71
CA ALA A 297 -24.99 4.56 -17.64
C ALA A 297 -23.85 3.62 -18.04
N PHE A 298 -23.16 3.96 -19.11
CA PHE A 298 -21.93 3.24 -19.45
C PHE A 298 -20.90 3.27 -18.27
N VAL A 299 -20.68 4.45 -17.71
CA VAL A 299 -19.69 4.50 -16.70
C VAL A 299 -20.15 3.79 -15.45
N GLU A 300 -21.44 3.87 -15.15
CA GLU A 300 -21.95 3.24 -13.93
C GLU A 300 -21.69 1.71 -14.04
N TYR A 301 -21.97 1.21 -15.26
CA TYR A 301 -21.81 -0.21 -15.61
C TYR A 301 -20.40 -0.69 -15.29
N MET A 302 -19.44 0.07 -15.75
CA MET A 302 -18.01 -0.27 -15.58
C MET A 302 -17.58 -0.39 -14.13
N THR A 303 -18.39 0.17 -13.19
CA THR A 303 -18.10 0.14 -11.75
C THR A 303 -18.74 -1.02 -11.05
N ARG A 304 -19.73 -1.60 -11.70
CA ARG A 304 -20.31 -2.78 -11.11
C ARG A 304 -19.18 -3.81 -10.89
N PRO A 305 -19.08 -4.36 -9.68
CA PRO A 305 -17.97 -5.21 -9.38
C PRO A 305 -17.93 -6.47 -10.21
N GLU A 306 -19.07 -6.99 -10.67
CA GLU A 306 -19.07 -8.20 -11.51
C GLU A 306 -18.71 -7.92 -12.96
N VAL A 307 -18.83 -6.68 -13.38
CA VAL A 307 -18.39 -6.26 -14.70
C VAL A 307 -16.90 -6.04 -14.59
N MET A 308 -16.47 -5.33 -13.55
CA MET A 308 -15.08 -4.99 -13.38
C MET A 308 -14.20 -6.25 -13.23
N GLN A 309 -14.65 -7.22 -12.46
CA GLN A 309 -14.03 -8.52 -12.51
C GLN A 309 -13.78 -9.08 -13.95
N LYS A 310 -14.73 -9.00 -14.88
CA LYS A 310 -14.50 -9.53 -16.26
C LYS A 310 -13.27 -8.85 -16.84
N TYR A 311 -13.15 -7.56 -16.57
CA TYR A 311 -12.01 -6.81 -17.06
C TYR A 311 -10.73 -7.13 -16.31
N TYR A 312 -10.73 -6.96 -14.98
CA TYR A 312 -9.59 -7.29 -14.15
C TYR A 312 -9.09 -8.72 -14.38
N ASP A 313 -9.94 -9.64 -14.81
CA ASP A 313 -9.44 -11.01 -15.00
C ASP A 313 -8.59 -11.19 -16.23
N VAL A 314 -8.77 -10.34 -17.21
CA VAL A 314 -7.95 -10.38 -18.43
C VAL A 314 -6.70 -9.47 -18.30
N ASP A 315 -6.91 -8.24 -17.84
CA ASP A 315 -5.87 -7.17 -17.71
C ASP A 315 -4.94 -7.29 -16.50
N GLY A 316 -5.49 -7.46 -15.30
CA GLY A 316 -4.68 -7.62 -14.07
C GLY A 316 -3.99 -6.41 -13.42
N SER A 317 -4.11 -5.21 -14.00
CA SER A 317 -3.53 -4.00 -13.38
C SER A 317 -4.29 -3.98 -12.11
N PRO A 318 -3.69 -3.50 -11.01
CA PRO A 318 -4.46 -3.49 -9.77
C PRO A 318 -5.60 -2.47 -9.88
N THR A 319 -6.71 -2.77 -9.20
CA THR A 319 -7.96 -2.03 -9.31
C THR A 319 -8.40 -1.36 -8.01
N ALA A 320 -9.12 -0.26 -8.23
CA ALA A 320 -9.55 0.69 -7.23
C ALA A 320 -11.06 0.61 -6.94
N ILE A 321 -11.77 -0.32 -7.60
CA ILE A 321 -13.24 -0.49 -7.44
C ILE A 321 -13.58 -1.46 -6.30
N GLU A 322 -14.56 -1.13 -5.46
CA GLU A 322 -15.13 -2.11 -4.52
C GLU A 322 -15.56 -3.46 -5.17
N GLY A 323 -15.28 -4.56 -4.45
CA GLY A 323 -15.87 -5.88 -4.74
C GLY A 323 -15.22 -6.81 -5.75
N VAL A 324 -13.96 -6.52 -6.08
CA VAL A 324 -13.28 -7.14 -7.20
C VAL A 324 -12.15 -8.02 -6.65
N LYS A 325 -12.36 -9.34 -6.63
CA LYS A 325 -11.32 -10.24 -6.15
C LYS A 325 -9.96 -9.90 -6.75
N GLN A 326 -8.99 -9.58 -5.90
CA GLN A 326 -7.62 -9.36 -6.37
C GLN A 326 -6.86 -10.69 -6.27
N ALA A 327 -5.78 -10.84 -7.03
CA ALA A 327 -5.01 -12.10 -7.11
C ALA A 327 -4.05 -12.23 -5.96
N GLY A 328 -3.70 -13.48 -5.61
CA GLY A 328 -2.71 -13.79 -4.55
C GLY A 328 -1.37 -13.13 -4.82
N GLU A 329 -0.33 -13.42 -4.03
CA GLU A 329 0.98 -12.83 -4.37
C GLU A 329 1.74 -13.78 -5.36
N ASP A 330 1.06 -14.83 -5.85
CA ASP A 330 1.63 -15.68 -6.92
C ASP A 330 1.28 -15.22 -8.33
N SER A 331 0.70 -14.04 -8.43
CA SER A 331 0.40 -13.48 -9.72
C SER A 331 1.70 -13.03 -10.41
N PRO A 332 1.65 -12.95 -11.74
CA PRO A 332 2.66 -12.30 -12.52
C PRO A 332 2.96 -10.88 -12.04
N LEU A 333 1.93 -10.06 -11.86
CA LEU A 333 2.21 -8.66 -11.56
C LEU A 333 2.55 -8.43 -10.09
N ALA A 334 2.58 -9.53 -9.31
CA ALA A 334 2.69 -9.49 -7.85
C ALA A 334 3.73 -8.52 -7.36
N GLY A 335 4.89 -8.41 -8.01
CA GLY A 335 6.06 -7.71 -7.42
C GLY A 335 6.27 -6.27 -7.82
N MET A 336 5.62 -5.88 -8.90
CA MET A 336 5.60 -4.53 -9.41
C MET A 336 4.45 -3.76 -8.74
N THR A 337 3.41 -4.49 -8.31
CA THR A 337 2.19 -3.90 -7.74
C THR A 337 1.97 -4.24 -6.28
N GLU A 338 2.97 -4.84 -5.64
CA GLU A 338 2.98 -5.05 -4.20
C GLU A 338 2.59 -3.77 -3.50
N TYR A 339 3.25 -2.68 -3.91
CA TYR A 339 3.19 -1.44 -3.15
C TYR A 339 2.20 -0.44 -3.72
N ALA A 340 1.28 -0.97 -4.52
CA ALA A 340 0.34 -0.14 -5.18
C ALA A 340 -0.38 0.65 -4.12
N PHE A 341 -0.81 1.84 -4.48
CA PHE A 341 -1.57 2.71 -3.56
C PHE A 341 -0.86 2.94 -2.23
N THR A 342 0.48 2.97 -2.21
CA THR A 342 1.25 3.34 -1.01
C THR A 342 2.11 4.52 -1.41
N ASP A 343 2.82 5.12 -0.46
CA ASP A 343 3.66 6.27 -0.80
C ASP A 343 4.96 5.81 -1.53
N ARG A 344 4.89 4.61 -2.11
CA ARG A 344 5.95 4.10 -2.97
C ARG A 344 5.46 3.90 -4.34
N HIS A 345 4.28 4.42 -4.68
CA HIS A 345 3.72 4.34 -6.07
C HIS A 345 3.57 5.75 -6.68
N LEU A 346 4.71 6.40 -6.96
CA LEU A 346 4.70 7.82 -7.44
C LEU A 346 3.77 8.01 -8.63
N VAL A 347 3.15 9.19 -8.67
CA VAL A 347 2.40 9.58 -9.85
C VAL A 347 3.40 10.01 -10.86
N TRP A 348 3.10 9.73 -12.12
CA TRP A 348 4.00 10.04 -13.25
C TRP A 348 4.54 11.42 -13.12
N LEU A 349 5.82 11.59 -13.37
CA LEU A 349 6.40 12.91 -13.16
C LEU A 349 5.75 13.97 -14.09
N GLN A 350 5.22 13.54 -15.26
CA GLN A 350 4.79 14.51 -16.32
C GLN A 350 3.57 15.29 -15.96
N GLN A 351 3.08 14.97 -14.76
CA GLN A 351 2.00 15.66 -14.12
C GLN A 351 2.19 17.16 -14.12
N TYR A 352 3.42 17.59 -13.90
CA TYR A 352 3.82 18.99 -13.77
C TYR A 352 4.60 19.53 -14.99
N TRP A 353 4.82 18.66 -15.98
CA TRP A 353 5.45 19.04 -17.25
C TRP A 353 4.39 19.53 -18.25
N THR A 354 4.83 20.12 -19.35
CA THR A 354 3.95 20.59 -20.42
C THR A 354 3.70 19.51 -21.52
N SER A 355 4.61 18.55 -21.59
CA SER A 355 4.55 17.39 -22.51
C SER A 355 5.52 16.29 -22.04
N GLU A 356 5.51 15.15 -22.72
CA GLU A 356 6.45 14.08 -22.38
C GLU A 356 7.15 13.43 -23.59
N ALA A 357 6.79 13.79 -24.84
CA ALA A 357 7.40 13.08 -25.98
C ALA A 357 8.89 13.27 -25.96
N ASP A 358 9.32 14.50 -25.77
CA ASP A 358 10.74 14.79 -25.83
C ASP A 358 11.52 14.09 -24.73
N PHE A 359 10.87 13.78 -23.62
CA PHE A 359 11.54 12.97 -22.57
C PHE A 359 11.73 11.56 -23.08
N HIS A 360 10.67 10.91 -23.54
CA HIS A 360 10.80 9.58 -24.16
C HIS A 360 11.97 9.55 -25.11
N THR A 361 11.98 10.51 -26.04
CA THR A 361 12.95 10.50 -27.12
C THR A 361 14.34 10.49 -26.50
N LEU A 362 14.65 11.46 -25.63
CA LEU A 362 16.05 11.58 -25.13
C LEU A 362 16.44 10.35 -24.31
N THR A 363 15.45 9.68 -23.69
CA THR A 363 15.75 8.45 -22.98
C THR A 363 16.24 7.45 -23.99
N MET A 364 15.44 7.13 -25.00
CA MET A 364 15.81 6.13 -26.02
C MET A 364 17.12 6.54 -26.73
N ASN A 365 17.18 7.74 -27.24
CA ASN A 365 18.43 8.19 -27.83
C ASN A 365 19.67 7.82 -27.02
N TYR A 366 19.63 7.94 -25.68
CA TYR A 366 20.81 7.62 -24.87
C TYR A 366 21.05 6.12 -24.99
N VAL A 367 20.03 5.32 -24.85
CA VAL A 367 20.25 3.90 -24.93
C VAL A 367 20.75 3.55 -26.33
N LEU A 368 20.24 4.19 -27.40
CA LEU A 368 20.77 3.90 -28.75
C LEU A 368 22.11 4.59 -29.10
N THR A 369 22.55 5.59 -28.32
CA THR A 369 23.83 6.32 -28.62
C THR A 369 24.90 6.29 -27.57
N GLY A 370 24.53 6.29 -26.32
CA GLY A 370 25.47 6.38 -25.23
C GLY A 370 26.10 7.74 -24.96
N ASP A 371 25.37 8.81 -25.22
CA ASP A 371 25.91 10.20 -25.25
C ASP A 371 25.49 11.04 -24.02
N LYS A 372 26.38 11.25 -23.07
CA LYS A 372 25.89 11.79 -21.80
C LYS A 372 25.66 13.28 -21.89
N GLN A 373 26.65 14.00 -22.39
CA GLN A 373 26.50 15.44 -22.53
C GLN A 373 25.32 15.75 -23.47
N GLY A 374 25.18 14.96 -24.54
CA GLY A 374 24.04 15.10 -25.44
C GLY A 374 22.69 14.94 -24.73
N MET A 375 22.60 13.96 -23.83
CA MET A 375 21.39 13.74 -23.06
C MET A 375 21.18 14.79 -22.00
N VAL A 376 22.23 15.13 -21.26
CA VAL A 376 22.15 16.27 -20.37
C VAL A 376 21.71 17.55 -21.10
N ASN A 377 22.34 17.88 -22.21
CA ASN A 377 21.86 18.98 -23.04
C ASN A 377 20.38 18.80 -23.41
N ASP A 378 19.99 17.62 -23.86
CA ASP A 378 18.60 17.40 -24.28
C ASP A 378 17.63 17.60 -23.11
N LEU A 379 18.01 17.16 -21.92
CA LEU A 379 17.18 17.40 -20.73
C LEU A 379 16.91 18.92 -20.58
N ASN A 380 17.94 19.75 -20.68
CA ASN A 380 17.72 21.17 -20.45
C ASN A 380 16.91 21.84 -21.56
N ALA A 381 17.09 21.37 -22.79
CA ALA A 381 16.32 21.84 -23.92
C ALA A 381 14.84 21.54 -23.74
N PHE A 382 14.53 20.45 -23.08
CA PHE A 382 13.14 20.06 -22.84
C PHE A 382 12.51 20.87 -21.68
N PHE A 383 13.22 20.98 -20.57
CA PHE A 383 12.70 21.67 -19.36
C PHE A 383 12.79 23.22 -19.27
N ASN A 384 13.61 23.87 -20.09
CA ASN A 384 13.76 25.33 -20.02
C ASN A 384 12.53 26.16 -20.46
N PRO A 385 11.80 25.70 -21.49
CA PRO A 385 10.51 26.30 -21.86
C PRO A 385 9.49 26.31 -20.76
N MET A 386 9.63 25.41 -19.80
CA MET A 386 8.63 25.21 -18.79
C MET A 386 8.91 26.09 -17.58
N LYS A 387 10.18 26.36 -17.36
CA LYS A 387 10.63 27.16 -16.21
C LYS A 387 10.40 28.69 -16.35
N MET A 388 9.47 29.13 -17.22
CA MET A 388 9.10 30.58 -17.36
C MET A 388 7.61 30.80 -17.63
N SER B 4 -15.24 33.44 27.70
CA SER B 4 -15.20 32.60 26.48
C SER B 4 -14.09 31.50 26.49
N THR B 5 -13.43 31.23 27.65
CA THR B 5 -12.42 30.15 27.78
C THR B 5 -13.05 28.79 27.97
N VAL B 6 -12.83 27.89 27.02
CA VAL B 6 -13.55 26.64 26.94
C VAL B 6 -12.63 25.47 27.27
N THR B 7 -13.17 24.35 27.71
CA THR B 7 -12.36 23.18 28.05
C THR B 7 -12.93 21.92 27.40
N ILE B 8 -12.12 21.20 26.61
CA ILE B 8 -12.54 19.94 26.01
C ILE B 8 -11.69 18.74 26.48
N GLU B 9 -12.33 17.55 26.44
CA GLU B 9 -11.68 16.31 26.83
C GLU B 9 -11.13 15.64 25.62
N TYR B 10 -9.86 15.23 25.73
CA TYR B 10 -9.27 14.18 24.88
C TYR B 10 -9.18 12.86 25.65
N PHE B 11 -9.83 11.84 25.15
CA PHE B 11 -9.80 10.54 25.81
C PHE B 11 -8.76 9.69 25.10
N ASN B 12 -7.70 9.31 25.80
CA ASN B 12 -6.56 8.66 25.14
C ASN B 12 -6.54 7.14 25.38
N GLN B 13 -6.21 6.35 24.37
CA GLN B 13 -6.04 4.90 24.65
C GLN B 13 -4.57 4.51 24.62
N LYS B 14 -3.76 5.45 24.18
CA LYS B 14 -2.41 5.14 23.74
C LYS B 14 -1.43 5.64 24.82
N LYS B 15 -1.30 4.84 25.89
CA LYS B 15 -0.57 5.19 27.14
C LYS B 15 0.93 5.41 27.03
N GLU B 16 1.49 4.80 26.00
CA GLU B 16 2.91 4.90 25.66
C GLU B 16 3.32 6.33 25.27
N MET B 17 2.38 7.06 24.72
CA MET B 17 2.65 8.36 24.12
C MET B 17 1.99 9.45 24.90
N THR B 18 1.59 9.17 26.14
CA THR B 18 1.06 10.19 27.03
C THR B 18 1.96 11.45 26.96
N LYS B 19 3.27 11.26 27.16
CA LYS B 19 4.18 12.38 27.33
C LYS B 19 4.26 13.28 26.08
N THR B 20 4.48 12.67 24.93
CA THR B 20 4.47 13.42 23.67
C THR B 20 3.10 14.10 23.34
N LEU B 21 2.02 13.42 23.68
CA LEU B 21 0.72 13.95 23.39
C LEU B 21 0.54 15.21 24.23
N GLU B 22 0.76 15.11 25.54
CA GLU B 22 0.88 16.29 26.39
C GLU B 22 1.50 17.47 25.62
N GLU B 23 2.75 17.29 25.20
CA GLU B 23 3.55 18.40 24.69
C GLU B 23 2.83 19.05 23.50
N ILE B 24 2.40 18.20 22.55
CA ILE B 24 1.52 18.56 21.40
C ILE B 24 0.29 19.36 21.82
N THR B 25 -0.31 18.94 22.93
CA THR B 25 -1.47 19.60 23.47
C THR B 25 -1.12 20.93 24.07
N ARG B 26 0.06 21.07 24.69
CA ARG B 26 0.47 22.33 25.30
C ARG B 26 0.80 23.31 24.17
N ASP B 27 1.38 22.76 23.11
CA ASP B 27 1.64 23.51 21.88
C ASP B 27 0.35 24.17 21.34
N PHE B 28 -0.76 23.44 21.42
CA PHE B 28 -2.04 23.82 20.86
C PHE B 28 -2.66 24.79 21.74
N GLU B 29 -2.56 24.55 23.05
CA GLU B 29 -2.97 25.52 24.07
C GLU B 29 -2.24 26.83 23.90
N LYS B 30 -0.94 26.82 23.66
CA LYS B 30 -0.15 28.05 23.64
C LYS B 30 -0.38 28.88 22.37
N GLU B 31 -1.09 28.26 21.42
CA GLU B 31 -1.40 28.84 20.13
C GLU B 31 -2.92 29.12 20.04
N ASN B 32 -3.67 28.71 21.06
CA ASN B 32 -5.10 28.94 21.12
C ASN B 32 -5.48 29.35 22.56
N PRO B 33 -5.17 30.58 22.97
CA PRO B 33 -5.26 30.94 24.40
C PRO B 33 -6.62 30.73 25.06
N LYS B 34 -7.68 30.79 24.25
CA LYS B 34 -9.09 30.48 24.63
C LYS B 34 -9.43 29.00 24.81
N ILE B 35 -8.50 28.11 24.48
CA ILE B 35 -8.75 26.66 24.55
C ILE B 35 -7.81 25.92 25.55
N LYS B 36 -8.41 24.99 26.27
CA LYS B 36 -7.70 24.13 27.17
C LYS B 36 -8.10 22.69 26.85
N VAL B 37 -7.18 21.76 27.05
CA VAL B 37 -7.48 20.33 26.86
C VAL B 37 -6.98 19.46 28.01
N LYS B 38 -7.88 18.76 28.69
CA LYS B 38 -7.49 17.72 29.64
C LYS B 38 -7.31 16.39 28.95
N VAL B 39 -6.05 15.98 28.77
CA VAL B 39 -5.76 14.66 28.27
C VAL B 39 -6.17 13.63 29.34
N VAL B 40 -7.10 12.72 29.02
CA VAL B 40 -7.50 11.66 29.96
C VAL B 40 -6.81 10.36 29.66
N ASN B 41 -6.14 9.83 30.67
CA ASN B 41 -5.60 8.46 30.63
C ASN B 41 -6.01 7.67 31.85
N VAL B 42 -6.99 6.81 31.68
CA VAL B 42 -7.51 6.00 32.76
C VAL B 42 -7.11 4.58 32.40
N PRO B 43 -6.97 3.67 33.40
CA PRO B 43 -6.67 2.28 33.05
C PRO B 43 -7.95 1.56 32.60
N ASN B 44 -7.83 0.38 32.01
CA ASN B 44 -8.96 -0.34 31.38
C ASN B 44 -9.74 0.64 30.53
N ALA B 45 -9.03 1.43 29.74
CA ALA B 45 -9.62 2.56 29.04
C ALA B 45 -10.71 2.15 28.06
N GLY B 46 -10.61 0.95 27.47
CA GLY B 46 -11.61 0.47 26.50
C GLY B 46 -12.95 0.28 27.18
N GLU B 47 -12.90 -0.26 28.38
CA GLU B 47 -14.09 -0.49 29.20
C GLU B 47 -14.71 0.81 29.62
N VAL B 48 -13.93 1.68 30.25
CA VAL B 48 -14.51 2.90 30.76
C VAL B 48 -15.16 3.65 29.60
N LEU B 49 -14.60 3.56 28.40
CA LEU B 49 -15.22 4.14 27.20
C LEU B 49 -16.59 3.52 26.88
N LYS B 50 -16.70 2.18 26.82
CA LYS B 50 -18.03 1.51 26.52
C LYS B 50 -19.10 1.96 27.53
N THR B 51 -18.73 2.08 28.81
CA THR B 51 -19.58 2.56 29.90
C THR B 51 -19.92 4.05 29.77
N ARG B 52 -18.94 4.87 29.41
CA ARG B 52 -19.17 6.30 29.15
C ARG B 52 -20.02 6.54 27.94
N VAL B 53 -19.71 5.91 26.82
CA VAL B 53 -20.49 6.19 25.63
C VAL B 53 -21.89 5.58 25.71
N LEU B 54 -22.03 4.38 26.29
CA LEU B 54 -23.36 3.82 26.54
C LEU B 54 -24.21 4.71 27.45
N ALA B 55 -23.57 5.40 28.38
CA ALA B 55 -24.26 6.27 29.32
C ALA B 55 -24.54 7.67 28.75
N GLY B 56 -24.16 7.94 27.48
CA GLY B 56 -24.47 9.20 26.78
C GLY B 56 -23.56 10.35 27.17
N ASP B 57 -22.48 10.00 27.87
CA ASP B 57 -21.44 10.91 28.35
C ASP B 57 -20.24 10.68 27.48
N VAL B 58 -20.31 11.10 26.22
CA VAL B 58 -19.21 10.92 25.28
C VAL B 58 -18.23 12.08 25.44
N PRO B 59 -16.92 11.81 25.72
CA PRO B 59 -15.88 12.86 25.72
C PRO B 59 -15.77 13.55 24.40
N ASP B 60 -15.20 14.76 24.39
CA ASP B 60 -15.28 15.69 23.24
C ASP B 60 -14.42 15.27 22.04
N VAL B 61 -13.26 14.67 22.30
CA VAL B 61 -12.44 14.06 21.24
C VAL B 61 -11.91 12.68 21.73
N VAL B 62 -12.08 11.64 20.93
CA VAL B 62 -11.98 10.30 21.46
C VAL B 62 -11.04 9.46 20.66
N ASN B 63 -10.09 8.84 21.34
CA ASN B 63 -9.15 7.97 20.65
C ASN B 63 -9.80 6.64 20.41
N ILE B 64 -10.25 6.37 19.21
CA ILE B 64 -11.03 5.16 18.98
C ILE B 64 -10.55 4.36 17.79
N TYR B 65 -10.25 3.09 18.04
CA TYR B 65 -9.64 2.31 17.01
C TYR B 65 -10.75 1.95 16.03
N PRO B 66 -10.62 2.39 14.75
CA PRO B 66 -11.52 2.33 13.62
C PRO B 66 -12.03 0.99 13.03
N GLN B 67 -11.51 -0.13 13.45
CA GLN B 67 -11.99 -1.42 12.97
C GLN B 67 -13.01 -2.07 13.92
N SER B 68 -13.12 -1.55 15.12
CA SER B 68 -13.89 -2.17 16.17
C SER B 68 -15.40 -2.20 15.89
N ILE B 69 -16.12 -3.19 16.42
CA ILE B 69 -17.56 -3.13 16.36
C ILE B 69 -18.02 -1.86 16.99
N GLU B 70 -17.37 -1.52 18.11
CA GLU B 70 -17.62 -0.29 18.89
C GLU B 70 -17.87 0.88 17.95
N LEU B 71 -16.84 1.33 17.25
CA LEU B 71 -17.03 2.41 16.28
C LEU B 71 -18.13 2.18 15.22
N GLN B 72 -18.44 0.94 14.86
CA GLN B 72 -19.45 0.68 13.86
C GLN B 72 -20.90 0.90 14.39
N GLU B 73 -21.15 0.49 15.64
CA GLU B 73 -22.49 0.67 16.26
C GLU B 73 -22.68 2.13 16.61
N TRP B 74 -21.62 2.78 17.10
CA TRP B 74 -21.75 4.14 17.62
C TRP B 74 -21.80 5.18 16.50
N ALA B 75 -21.15 4.91 15.39
CA ALA B 75 -21.24 5.78 14.23
C ALA B 75 -22.69 5.77 13.76
N LYS B 76 -23.24 4.57 13.57
CA LYS B 76 -24.61 4.43 13.09
C LYS B 76 -25.59 5.23 13.94
N ALA B 77 -25.34 5.26 15.24
CA ALA B 77 -26.31 5.84 16.21
C ALA B 77 -26.16 7.38 16.38
N GLY B 78 -25.19 7.97 15.71
CA GLY B 78 -24.93 9.40 15.84
C GLY B 78 -24.14 9.84 17.07
N VAL B 79 -23.27 8.99 17.62
CA VAL B 79 -22.43 9.41 18.72
C VAL B 79 -21.40 10.40 18.19
N PHE B 80 -20.90 10.12 17.00
CA PHE B 80 -19.78 10.83 16.43
C PHE B 80 -20.15 11.64 15.22
N GLU B 81 -19.28 12.59 14.89
CA GLU B 81 -19.54 13.65 13.94
C GLU B 81 -19.00 13.19 12.65
N ASP B 82 -19.74 13.46 11.59
CA ASP B 82 -19.38 13.12 10.21
C ASP B 82 -18.34 14.10 9.67
N LEU B 83 -17.14 13.58 9.44
CA LEU B 83 -15.98 14.36 9.05
C LEU B 83 -15.75 14.16 7.57
N SER B 84 -16.69 13.46 6.91
CA SER B 84 -16.61 13.19 5.47
C SER B 84 -16.18 14.41 4.67
N ASN B 85 -16.61 15.60 5.07
CA ASN B 85 -16.37 16.80 4.23
C ASN B 85 -15.51 17.88 4.84
N LYS B 86 -14.59 17.48 5.71
CA LYS B 86 -13.70 18.43 6.31
C LYS B 86 -12.53 18.62 5.38
N ASP B 87 -11.97 19.81 5.42
CA ASP B 87 -10.75 20.11 4.69
C ASP B 87 -9.52 19.41 5.28
N TYR B 88 -9.44 19.29 6.59
CA TYR B 88 -8.32 18.50 7.19
C TYR B 88 -8.29 16.97 6.81
N LEU B 89 -9.43 16.35 6.48
CA LEU B 89 -9.43 14.97 6.00
C LEU B 89 -8.68 14.70 4.69
N LYS B 90 -8.53 15.73 3.88
CA LYS B 90 -7.83 15.64 2.61
C LYS B 90 -6.35 15.39 2.80
N ARG B 91 -5.87 15.55 4.03
CA ARG B 91 -4.45 15.43 4.33
C ARG B 91 -4.04 13.98 4.51
N VAL B 92 -5.03 13.09 4.50
CA VAL B 92 -4.79 11.68 4.78
C VAL B 92 -4.72 10.86 3.50
N LYS B 93 -3.57 10.21 3.28
CA LYS B 93 -3.18 9.78 1.94
C LYS B 93 -3.86 8.46 1.57
N ASN B 94 -4.37 8.39 0.35
CA ASN B 94 -4.89 7.14 -0.19
C ASN B 94 -5.89 6.47 0.75
N GLY B 95 -6.88 7.24 1.18
CA GLY B 95 -8.20 6.69 1.47
C GLY B 95 -8.23 5.93 2.78
N TYR B 96 -7.14 6.01 3.54
CA TYR B 96 -7.06 5.38 4.82
C TYR B 96 -8.25 5.74 5.67
N ALA B 97 -8.71 6.96 5.51
CA ALA B 97 -9.88 7.41 6.26
C ALA B 97 -11.07 6.58 5.83
N GLU B 98 -11.25 6.53 4.53
CA GLU B 98 -12.39 5.88 3.89
C GLU B 98 -12.41 4.40 4.16
N LYS B 99 -11.27 3.75 4.31
CA LYS B 99 -11.22 2.32 4.58
C LYS B 99 -12.23 1.91 5.66
N TYR B 100 -12.35 2.74 6.68
CA TYR B 100 -13.18 2.47 7.85
C TYR B 100 -14.48 3.27 7.83
N ALA B 101 -14.99 3.49 6.64
CA ALA B 101 -16.27 4.19 6.44
C ALA B 101 -17.41 3.42 7.07
N VAL B 102 -18.32 4.12 7.73
CA VAL B 102 -19.55 3.55 8.18
C VAL B 102 -20.65 4.20 7.35
N ASN B 103 -21.38 3.36 6.60
CA ASN B 103 -22.42 3.81 5.65
C ASN B 103 -21.92 4.76 4.57
N GLU B 104 -20.74 4.47 4.02
CA GLU B 104 -20.10 5.36 3.05
C GLU B 104 -19.65 6.70 3.66
N LYS B 105 -19.79 6.90 4.97
CA LYS B 105 -19.37 8.16 5.59
C LYS B 105 -18.23 7.98 6.62
N VAL B 106 -17.40 9.00 6.77
CA VAL B 106 -16.21 8.89 7.57
C VAL B 106 -16.40 9.51 8.92
N TYR B 107 -16.11 8.75 9.99
CA TYR B 107 -16.28 9.23 11.36
C TYR B 107 -15.01 9.30 12.22
N ASN B 108 -13.91 8.84 11.63
CA ASN B 108 -12.64 8.73 12.35
C ASN B 108 -11.52 9.25 11.48
N VAL B 109 -10.61 10.00 12.07
CA VAL B 109 -9.31 10.35 11.50
C VAL B 109 -8.19 9.44 12.09
N PRO B 110 -7.72 8.44 11.30
CA PRO B 110 -6.62 7.55 11.63
C PRO B 110 -5.31 8.11 11.15
N PHE B 111 -4.56 8.67 12.10
CA PHE B 111 -3.26 9.32 11.83
C PHE B 111 -2.12 8.36 11.58
N THR B 112 -2.29 7.11 12.02
CA THR B 112 -1.21 6.12 12.00
C THR B 112 -1.83 4.72 12.03
N ALA B 113 -1.13 3.75 11.48
CA ALA B 113 -1.56 2.37 11.49
C ALA B 113 -0.65 1.57 12.45
N ASN B 114 -1.16 0.61 13.17
CA ASN B 114 -0.25 -0.28 13.89
C ASN B 114 0.10 -1.48 13.06
N ALA B 115 1.11 -2.20 13.51
CA ALA B 115 1.42 -3.47 12.90
C ALA B 115 1.83 -4.50 13.97
N TYR B 116 2.33 -5.65 13.58
CA TYR B 116 2.67 -6.67 14.58
C TYR B 116 3.71 -7.62 14.06
N GLY B 117 4.81 -7.83 14.79
CA GLY B 117 5.89 -8.65 14.28
C GLY B 117 6.65 -9.29 15.41
N ILE B 118 7.86 -9.75 15.13
CA ILE B 118 8.75 -10.11 16.20
C ILE B 118 9.83 -9.07 16.29
N TYR B 119 9.91 -8.42 17.43
CA TYR B 119 11.09 -7.61 17.76
C TYR B 119 12.28 -8.53 18.06
N TYR B 120 13.45 -8.07 17.61
CA TYR B 120 14.70 -8.74 17.93
C TYR B 120 15.94 -7.87 18.12
N ASN B 121 16.94 -8.49 18.72
CA ASN B 121 18.23 -7.87 19.03
C ASN B 121 19.23 -8.05 17.89
N LYS B 122 19.38 -7.10 16.99
CA LYS B 122 20.19 -7.39 15.76
C LYS B 122 21.61 -7.83 16.15
N ASP B 123 22.05 -7.35 17.30
CA ASP B 123 23.43 -7.47 17.73
C ASP B 123 23.80 -8.84 18.21
N LYS B 124 22.92 -9.42 19.00
CA LYS B 124 23.16 -10.76 19.46
C LYS B 124 22.98 -11.66 18.25
N PHE B 125 21.94 -11.44 17.48
CA PHE B 125 21.76 -12.24 16.27
C PHE B 125 22.98 -12.28 15.39
N GLU B 126 23.69 -11.17 15.31
CA GLU B 126 24.97 -11.12 14.63
C GLU B 126 25.94 -12.08 15.34
N GLU B 127 26.20 -11.83 16.60
CA GLU B 127 27.21 -12.55 17.34
C GLU B 127 26.99 -14.05 17.32
N LEU B 128 25.77 -14.50 17.52
CA LEU B 128 25.50 -15.93 17.56
C LEU B 128 25.44 -16.53 16.19
N GLY B 129 25.24 -15.67 15.20
CA GLY B 129 25.23 -16.05 13.77
C GLY B 129 23.87 -16.57 13.27
N LEU B 130 22.81 -15.85 13.58
CA LEU B 130 21.47 -16.34 13.30
C LEU B 130 20.82 -15.33 12.42
N LYS B 131 20.00 -15.84 11.50
CA LYS B 131 19.42 -15.05 10.43
C LYS B 131 17.90 -15.15 10.45
N VAL B 132 17.26 -14.00 10.33
CA VAL B 132 15.81 -13.87 10.45
C VAL B 132 15.14 -15.02 9.69
N PRO B 133 14.06 -15.57 10.23
CA PRO B 133 13.49 -16.79 9.67
C PRO B 133 12.43 -16.43 8.68
N GLU B 134 12.23 -17.27 7.67
CA GLU B 134 11.29 -16.95 6.59
C GLU B 134 10.21 -18.01 6.35
N THR B 135 10.20 -19.04 7.19
CA THR B 135 9.18 -20.08 7.19
C THR B 135 9.10 -20.52 8.66
N TRP B 136 8.05 -21.30 8.98
CA TRP B 136 7.84 -21.91 10.31
C TRP B 136 8.95 -22.85 10.71
N ASP B 137 9.40 -23.70 9.82
CA ASP B 137 10.49 -24.60 10.20
C ASP B 137 11.69 -23.75 10.67
N GLU B 138 12.02 -22.70 9.96
CA GLU B 138 13.20 -21.88 10.29
C GLU B 138 13.02 -21.18 11.58
N PHE B 139 11.78 -20.91 11.90
CA PHE B 139 11.50 -20.19 13.09
C PHE B 139 11.59 -21.16 14.29
N GLU B 140 11.08 -22.37 14.12
CA GLU B 140 11.27 -23.38 15.15
C GLU B 140 12.79 -23.47 15.33
N GLN B 141 13.51 -23.65 14.23
CA GLN B 141 14.91 -23.98 14.33
C GLN B 141 15.66 -22.82 14.94
N LEU B 142 15.18 -21.60 14.73
CA LEU B 142 15.83 -20.42 15.27
C LEU B 142 15.85 -20.39 16.81
N VAL B 143 14.78 -20.87 17.41
CA VAL B 143 14.57 -20.79 18.84
C VAL B 143 15.28 -21.95 19.56
N LYS B 144 15.22 -23.14 18.98
CA LYS B 144 15.97 -24.25 19.53
C LYS B 144 17.46 -23.87 19.57
N ASP B 145 17.94 -23.18 18.52
CA ASP B 145 19.32 -22.65 18.41
C ASP B 145 19.67 -21.60 19.51
N ILE B 146 18.82 -20.59 19.70
CA ILE B 146 19.02 -19.62 20.74
C ILE B 146 19.09 -20.30 22.10
N VAL B 147 18.18 -21.23 22.30
CA VAL B 147 18.11 -21.96 23.56
C VAL B 147 19.36 -22.75 23.81
N ALA B 148 19.71 -23.61 22.86
CA ALA B 148 20.95 -24.36 22.90
C ALA B 148 22.22 -23.50 23.08
N LYS B 149 22.13 -22.16 23.02
CA LYS B 149 23.33 -21.30 23.06
C LYS B 149 23.48 -20.43 24.34
N GLY B 150 22.59 -20.64 25.31
CA GLY B 150 22.73 -20.05 26.62
C GLY B 150 21.90 -18.82 26.78
N GLN B 151 21.09 -18.55 25.76
CA GLN B 151 20.31 -17.36 25.68
C GLN B 151 18.87 -17.74 25.85
N THR B 152 18.07 -16.74 26.21
CA THR B 152 16.63 -16.84 26.23
C THR B 152 15.98 -16.20 24.97
N PRO B 153 15.17 -16.98 24.27
CA PRO B 153 14.66 -16.58 22.99
C PRO B 153 13.62 -15.53 23.06
N PHE B 154 12.61 -15.74 23.93
CA PHE B 154 11.40 -14.92 23.96
C PHE B 154 11.12 -14.31 25.30
N GLY B 155 10.59 -13.09 25.24
CA GLY B 155 9.99 -12.44 26.39
C GLY B 155 8.47 -12.39 26.27
N ILE B 156 7.80 -13.27 27.03
CA ILE B 156 6.32 -13.38 27.01
C ILE B 156 5.69 -12.88 28.33
N ALA B 157 4.76 -11.94 28.21
CA ALA B 157 4.06 -11.39 29.36
C ALA B 157 2.91 -12.32 29.69
N GLY B 158 3.19 -13.29 30.56
CA GLY B 158 2.17 -14.29 30.88
C GLY B 158 0.94 -13.66 31.52
N ALA B 159 1.06 -12.43 32.01
CA ALA B 159 -0.06 -11.75 32.67
C ALA B 159 -0.72 -10.66 31.80
N ASP B 160 -0.36 -10.56 30.52
CA ASP B 160 -0.98 -9.54 29.66
C ASP B 160 -1.25 -10.18 28.33
N ALA B 161 -2.39 -10.85 28.30
CA ALA B 161 -2.68 -11.86 27.31
C ALA B 161 -2.87 -11.19 25.99
N TRP B 162 -3.25 -9.91 25.97
CA TRP B 162 -3.46 -9.12 24.73
C TRP B 162 -2.22 -8.85 23.89
N THR B 163 -1.05 -8.99 24.53
CA THR B 163 0.21 -8.80 23.82
C THR B 163 0.44 -9.85 22.73
N LEU B 164 -0.34 -10.95 22.76
CA LEU B 164 -0.26 -12.08 21.79
C LEU B 164 -1.56 -12.28 20.98
N ASN B 165 -2.24 -11.18 20.71
CA ASN B 165 -3.37 -11.23 19.84
C ASN B 165 -2.89 -11.33 18.41
N GLY B 166 -1.98 -10.44 18.05
CA GLY B 166 -1.36 -10.48 16.71
C GLY B 166 -0.68 -11.80 16.37
N TYR B 167 0.01 -12.38 17.35
CA TYR B 167 0.67 -13.70 17.18
C TYR B 167 -0.28 -14.74 16.65
N ASN B 168 -1.40 -14.96 17.33
CA ASN B 168 -2.30 -16.05 16.93
C ASN B 168 -3.20 -15.73 15.78
N GLN B 169 -3.67 -14.49 15.73
CA GLN B 169 -4.37 -14.01 14.52
C GLN B 169 -3.49 -14.31 13.33
N LEU B 170 -2.23 -13.86 13.41
CA LEU B 170 -1.25 -14.15 12.38
C LEU B 170 -0.94 -15.61 12.20
N ALA B 171 -1.32 -16.46 13.15
CA ALA B 171 -1.07 -17.88 12.95
C ALA B 171 -2.18 -18.44 12.03
N PHE B 172 -3.43 -18.08 12.29
CA PHE B 172 -4.51 -18.47 11.38
C PHE B 172 -4.41 -17.74 10.02
N ALA B 173 -4.01 -16.46 10.07
CA ALA B 173 -3.79 -15.64 8.87
C ALA B 173 -2.89 -16.37 7.83
N THR B 174 -1.72 -16.79 8.29
CA THR B 174 -0.69 -17.39 7.44
C THR B 174 -0.90 -18.86 7.20
N ALA B 175 -1.72 -19.52 8.01
CA ALA B 175 -2.09 -20.91 7.70
C ALA B 175 -3.14 -20.95 6.62
N THR B 176 -4.16 -20.11 6.75
CA THR B 176 -5.29 -20.12 5.83
C THR B 176 -5.08 -19.33 4.55
N GLY B 177 -3.99 -18.59 4.45
CA GLY B 177 -3.66 -17.88 3.22
C GLY B 177 -4.07 -16.43 3.13
N GLY B 178 -4.53 -15.83 4.22
CA GLY B 178 -4.82 -14.39 4.26
C GLY B 178 -5.82 -14.05 5.34
N GLY B 179 -6.40 -12.86 5.28
CA GLY B 179 -7.29 -12.35 6.34
C GLY B 179 -8.75 -12.75 6.27
N LYS B 180 -9.40 -12.55 5.12
CA LYS B 180 -10.78 -13.07 4.91
C LYS B 180 -10.87 -14.58 5.18
N GLU B 181 -9.88 -15.31 4.67
CA GLU B 181 -9.83 -16.77 4.79
C GLU B 181 -9.62 -17.29 6.22
N ALA B 182 -9.07 -16.44 7.08
CA ALA B 182 -8.98 -16.75 8.50
C ALA B 182 -10.32 -16.66 9.16
N ASN B 183 -10.98 -15.52 8.99
CA ASN B 183 -12.32 -15.36 9.54
C ASN B 183 -13.28 -16.37 8.95
N GLN B 184 -13.02 -16.77 7.71
CA GLN B 184 -13.84 -17.76 7.02
C GLN B 184 -13.75 -19.13 7.67
N TYR B 185 -12.56 -19.51 8.14
CA TYR B 185 -12.40 -20.72 8.88
C TYR B 185 -12.94 -20.61 10.31
N LEU B 186 -12.78 -19.44 10.93
CA LEU B 186 -13.08 -19.28 12.35
C LEU B 186 -14.48 -18.80 12.65
N ARG B 187 -14.94 -17.81 11.90
CA ARG B 187 -16.11 -17.03 12.27
C ARG B 187 -17.30 -17.21 11.34
N TYR B 188 -17.10 -17.62 10.10
CA TYR B 188 -18.28 -17.81 9.23
C TYR B 188 -18.50 -19.27 8.83
N SER B 189 -17.70 -20.16 9.41
CA SER B 189 -17.93 -21.59 9.33
C SER B 189 -19.28 -21.93 9.99
N GLN B 190 -19.62 -23.21 10.12
CA GLN B 190 -20.77 -23.65 10.94
C GLN B 190 -20.33 -23.82 12.40
N PRO B 191 -21.26 -23.74 13.35
CA PRO B 191 -20.91 -24.04 14.76
C PRO B 191 -20.16 -25.36 14.92
N ASN B 192 -19.15 -25.38 15.80
CA ASN B 192 -18.26 -26.54 15.97
C ASN B 192 -17.70 -27.07 14.64
N ALA B 193 -17.34 -26.15 13.76
CA ALA B 193 -16.53 -26.45 12.57
C ALA B 193 -15.06 -26.66 12.91
N ILE B 194 -14.63 -26.05 14.01
CA ILE B 194 -13.23 -26.08 14.39
C ILE B 194 -12.95 -27.38 15.11
N LYS B 195 -12.20 -28.24 14.44
CA LYS B 195 -11.85 -29.57 14.95
C LYS B 195 -10.32 -29.75 15.00
N LEU B 196 -9.84 -30.42 16.05
CA LEU B 196 -8.41 -30.59 16.29
C LEU B 196 -7.66 -31.23 15.12
N SER B 197 -8.36 -32.11 14.42
CA SER B 197 -7.83 -32.79 13.23
C SER B 197 -7.85 -31.93 11.95
N ASP B 198 -8.39 -30.71 12.01
CA ASP B 198 -8.45 -29.85 10.83
C ASP B 198 -7.03 -29.47 10.51
N PRO B 199 -6.65 -29.56 9.23
CA PRO B 199 -5.23 -29.29 8.95
C PRO B 199 -4.85 -27.86 9.36
N ILE B 200 -5.70 -26.91 8.97
CA ILE B 200 -5.51 -25.51 9.34
C ILE B 200 -5.24 -25.37 10.82
N MET B 201 -5.86 -26.24 11.59
CA MET B 201 -5.65 -26.22 13.02
C MET B 201 -4.35 -26.89 13.46
N LYS B 202 -3.84 -27.87 12.70
CA LYS B 202 -2.52 -28.43 13.01
C LYS B 202 -1.48 -27.33 12.81
N ASP B 203 -1.64 -26.54 11.72
CA ASP B 203 -0.77 -25.36 11.36
C ASP B 203 -0.71 -24.25 12.47
N ASP B 204 -1.86 -23.95 13.06
CA ASP B 204 -1.98 -22.99 14.19
C ASP B 204 -1.21 -23.48 15.38
N ILE B 205 -1.50 -24.73 15.75
CA ILE B 205 -0.86 -25.39 16.85
C ILE B 205 0.67 -25.38 16.63
N LYS B 206 1.11 -25.60 15.40
CA LYS B 206 2.53 -25.52 15.08
C LYS B 206 3.11 -24.15 15.44
N VAL B 207 2.44 -23.10 14.98
CA VAL B 207 2.91 -21.72 15.17
C VAL B 207 2.92 -21.40 16.65
N MET B 208 1.82 -21.67 17.33
CA MET B 208 1.82 -21.45 18.76
C MET B 208 2.78 -22.38 19.49
N ASP B 209 3.02 -23.59 18.99
CA ASP B 209 4.01 -24.49 19.65
C ASP B 209 5.47 -23.95 19.64
N ILE B 210 5.67 -22.76 19.07
CA ILE B 210 6.98 -22.07 19.02
C ILE B 210 7.28 -21.30 20.30
N LEU B 211 6.23 -20.93 21.01
CA LEU B 211 6.36 -20.24 22.25
C LEU B 211 6.30 -21.24 23.38
N ARG B 212 6.16 -22.53 23.05
CA ARG B 212 6.12 -23.57 24.06
C ARG B 212 7.34 -24.46 23.99
N ILE B 213 8.35 -24.04 23.25
CA ILE B 213 9.56 -24.85 23.12
C ILE B 213 10.32 -24.78 24.45
N ASN B 214 10.77 -25.93 24.90
CA ASN B 214 11.50 -26.01 26.15
C ASN B 214 12.54 -24.89 26.30
N GLY B 215 12.44 -24.07 27.33
CA GLY B 215 13.43 -23.00 27.56
C GLY B 215 13.23 -21.75 26.70
N SER B 216 12.06 -21.66 26.07
CA SER B 216 11.82 -20.61 25.11
C SER B 216 11.37 -19.35 25.79
N LYS B 217 11.14 -19.37 27.08
CA LYS B 217 10.62 -18.18 27.75
C LYS B 217 11.44 -17.81 28.99
N GLN B 218 11.43 -16.53 29.36
CA GLN B 218 12.19 -16.01 30.52
C GLN B 218 11.73 -16.68 31.81
N LYS B 219 12.50 -16.55 32.89
CA LYS B 219 12.12 -17.17 34.15
C LYS B 219 11.03 -16.36 34.87
N ASN B 220 9.97 -17.03 35.31
CA ASN B 220 8.86 -16.32 35.96
C ASN B 220 7.98 -15.49 34.98
N TRP B 221 7.88 -15.98 33.74
CA TRP B 221 7.09 -15.34 32.68
C TRP B 221 5.62 -15.45 32.94
N GLU B 222 5.18 -16.58 33.47
CA GLU B 222 3.77 -16.84 33.80
C GLU B 222 3.05 -15.65 34.48
N GLY B 223 3.81 -14.85 35.25
CA GLY B 223 3.31 -13.68 35.98
C GLY B 223 3.78 -12.30 35.49
N ALA B 224 4.64 -12.28 34.47
CA ALA B 224 5.19 -11.04 33.91
C ALA B 224 4.14 -10.25 33.20
N GLY B 225 4.31 -8.94 33.26
CA GLY B 225 3.50 -8.02 32.52
C GLY B 225 4.21 -7.50 31.28
N TYR B 226 3.49 -6.65 30.55
CA TYR B 226 4.01 -5.92 29.38
C TYR B 226 5.22 -5.10 29.74
N THR B 227 5.17 -4.30 30.80
CA THR B 227 6.34 -3.47 31.08
C THR B 227 7.55 -4.30 31.43
N ASP B 228 7.34 -5.37 32.22
CA ASP B 228 8.44 -6.31 32.59
C ASP B 228 9.09 -6.90 31.34
N VAL B 229 8.22 -7.33 30.41
CA VAL B 229 8.65 -7.83 29.10
C VAL B 229 9.46 -6.76 28.33
N ILE B 230 8.92 -5.57 28.12
CA ILE B 230 9.67 -4.43 27.53
C ILE B 230 11.06 -4.31 28.17
N GLY B 231 11.10 -4.19 29.50
CA GLY B 231 12.37 -4.03 30.30
C GLY B 231 13.40 -5.12 29.99
N ALA B 232 12.94 -6.39 30.00
CA ALA B 232 13.82 -7.56 29.76
C ALA B 232 14.32 -7.56 28.32
N PHE B 233 13.47 -7.22 27.38
CA PHE B 233 13.99 -7.07 26.03
C PHE B 233 15.01 -5.94 25.97
N ALA B 234 14.66 -4.77 26.52
CA ALA B 234 15.55 -3.58 26.48
C ALA B 234 16.93 -3.92 27.06
N ARG B 235 16.95 -4.48 28.27
CA ARG B 235 18.19 -4.85 28.99
C ARG B 235 18.97 -6.01 28.31
N GLY B 236 18.29 -6.89 27.60
CA GLY B 236 18.96 -7.87 26.75
C GLY B 236 19.01 -9.25 27.34
N ASP B 237 18.08 -9.52 28.25
CA ASP B 237 17.91 -10.82 28.94
C ASP B 237 17.13 -11.78 28.03
N VAL B 238 16.46 -11.23 27.04
CA VAL B 238 15.73 -12.05 26.11
C VAL B 238 16.03 -11.43 24.76
N LEU B 239 15.91 -12.27 23.73
CA LEU B 239 16.42 -11.92 22.43
C LEU B 239 15.35 -11.51 21.48
N MET B 240 14.10 -11.87 21.79
CA MET B 240 12.93 -11.54 20.98
C MET B 240 11.75 -11.30 21.89
N THR B 241 10.73 -10.61 21.40
CA THR B 241 9.44 -10.46 22.07
C THR B 241 8.36 -10.03 21.09
N PRO B 242 7.23 -10.77 21.05
CA PRO B 242 6.09 -10.47 20.15
C PRO B 242 5.17 -9.33 20.59
N ASN B 243 4.93 -8.39 19.67
CA ASN B 243 4.16 -7.22 20.05
C ASN B 243 3.94 -6.35 18.87
N GLY B 244 3.27 -5.23 19.10
CA GLY B 244 2.94 -4.38 18.02
C GLY B 244 3.99 -3.32 17.79
N SER B 245 3.83 -2.59 16.70
CA SER B 245 4.61 -1.40 16.45
C SER B 245 4.54 -0.45 17.64
N TRP B 246 3.44 -0.51 18.37
CA TRP B 246 3.24 0.38 19.52
C TRP B 246 4.30 0.25 20.64
N ALA B 247 4.94 -0.91 20.76
CA ALA B 247 5.94 -1.11 21.83
C ALA B 247 7.21 -0.33 21.62
N ILE B 248 7.49 0.15 20.41
CA ILE B 248 8.81 0.65 20.16
C ILE B 248 9.14 1.86 21.05
N THR B 249 8.16 2.69 21.39
CA THR B 249 8.49 3.87 22.22
C THR B 249 8.92 3.45 23.57
N ALA B 250 8.17 2.56 24.22
CA ALA B 250 8.53 2.02 25.58
C ALA B 250 9.93 1.32 25.65
N ILE B 251 10.27 0.63 24.57
CA ILE B 251 11.59 0.06 24.39
C ILE B 251 12.67 1.16 24.42
N ASN B 252 12.70 2.02 23.39
CA ASN B 252 13.59 3.21 23.32
C ASN B 252 13.78 4.01 24.64
N GLU B 253 12.70 4.17 25.39
CA GLU B 253 12.76 4.92 26.63
C GLU B 253 13.66 4.21 27.65
N GLN B 254 13.64 2.89 27.66
CA GLN B 254 14.50 2.13 28.57
C GLN B 254 15.90 1.99 28.08
N LYS B 255 16.24 2.82 27.10
CA LYS B 255 17.62 3.14 26.75
C LYS B 255 18.44 1.89 26.52
N PRO B 256 18.12 1.13 25.49
CA PRO B 256 18.85 -0.11 25.27
C PRO B 256 20.17 0.10 24.52
N ASN B 257 21.03 -0.88 24.70
CA ASN B 257 22.41 -0.82 24.31
C ASN B 257 22.65 -1.74 23.10
N PHE B 258 21.74 -1.72 22.13
CA PHE B 258 21.91 -2.49 20.90
C PHE B 258 20.88 -2.03 19.90
N LYS B 259 21.11 -2.30 18.63
CA LYS B 259 20.17 -1.87 17.59
C LYS B 259 19.01 -2.85 17.47
N ILE B 260 17.80 -2.33 17.49
CA ILE B 260 16.62 -3.18 17.45
C ILE B 260 16.17 -3.41 16.04
N GLY B 261 15.48 -4.52 15.85
CA GLY B 261 15.00 -4.92 14.53
C GLY B 261 13.71 -5.66 14.72
N THR B 262 13.01 -5.83 13.64
CA THR B 262 11.73 -6.45 13.70
C THR B 262 11.71 -7.34 12.51
N PHE B 263 10.82 -8.31 12.55
CA PHE B 263 10.63 -9.15 11.40
C PHE B 263 9.22 -9.63 11.50
N MET B 264 8.65 -9.98 10.39
CA MET B 264 7.25 -10.32 10.34
C MET B 264 7.16 -11.78 10.73
N ILE B 265 5.94 -12.20 11.06
CA ILE B 265 5.70 -13.63 11.30
C ILE B 265 5.60 -14.38 9.97
N PRO B 266 6.49 -15.37 9.76
CA PRO B 266 6.63 -16.10 8.50
C PRO B 266 5.43 -16.96 8.20
N GLY B 267 5.33 -17.50 7.00
CA GLY B 267 4.29 -18.50 6.69
C GLY B 267 4.86 -19.92 6.68
N LYS B 268 4.17 -20.85 6.00
CA LYS B 268 4.62 -22.24 5.90
C LYS B 268 5.89 -22.35 5.05
N GLU B 269 5.91 -21.56 3.97
CA GLU B 269 7.08 -21.39 3.08
C GLU B 269 7.42 -19.94 2.77
N LYS B 270 8.58 -19.74 2.13
CA LYS B 270 9.14 -18.41 1.88
C LYS B 270 8.11 -17.48 1.25
N GLY B 271 8.17 -16.20 1.62
CA GLY B 271 7.45 -15.14 0.92
C GLY B 271 5.94 -15.11 1.13
N GLN B 272 5.46 -15.78 2.17
CA GLN B 272 4.07 -15.64 2.61
C GLN B 272 4.07 -15.14 4.03
N SER B 273 5.05 -14.34 4.40
CA SER B 273 4.89 -13.64 5.66
C SER B 273 3.70 -12.62 5.52
N LEU B 274 3.12 -12.29 6.69
CA LEU B 274 1.98 -11.37 6.81
C LEU B 274 2.09 -10.59 8.11
N THR B 275 1.44 -9.41 8.12
CA THR B 275 1.20 -8.68 9.37
C THR B 275 -0.25 -8.24 9.41
N VAL B 276 -0.55 -7.56 10.53
CA VAL B 276 -1.90 -7.31 11.00
C VAL B 276 -1.92 -6.00 11.81
N GLY B 277 -3.01 -5.25 11.62
CA GLY B 277 -3.23 -3.99 12.36
C GLY B 277 -4.30 -3.10 11.76
N ALA B 278 -4.30 -1.86 12.22
CA ALA B 278 -5.25 -0.87 11.73
C ALA B 278 -4.99 0.44 12.39
N GLY B 279 -5.87 1.39 12.23
CA GLY B 279 -5.59 2.74 12.76
C GLY B 279 -5.15 2.73 14.19
N ASP B 280 -4.10 3.46 14.54
CA ASP B 280 -3.57 3.43 15.92
C ASP B 280 -3.93 4.72 16.57
N LEU B 281 -3.07 5.75 16.49
CA LEU B 281 -3.56 7.10 16.82
C LEU B 281 -4.72 7.40 15.85
N ALA B 282 -5.95 7.34 16.36
CA ALA B 282 -7.14 7.41 15.54
C ALA B 282 -8.18 8.12 16.35
N TRP B 283 -8.62 9.25 15.85
CA TRP B 283 -9.46 10.15 16.60
C TRP B 283 -10.82 10.35 15.96
N SER B 284 -11.82 10.45 16.84
CA SER B 284 -13.19 10.66 16.49
C SER B 284 -13.66 11.83 17.38
N ILE B 285 -14.69 12.56 16.93
CA ILE B 285 -15.27 13.73 17.64
C ILE B 285 -16.68 13.41 18.15
N SER B 286 -17.03 13.82 19.37
CA SER B 286 -18.42 13.65 19.83
C SER B 286 -19.36 14.48 18.95
N ALA B 287 -20.46 13.90 18.51
CA ALA B 287 -21.40 14.66 17.69
C ALA B 287 -22.18 15.66 18.53
N THR B 288 -21.98 15.66 19.85
CA THR B 288 -22.76 16.57 20.72
C THR B 288 -21.90 17.47 21.62
N THR B 289 -20.60 17.31 21.49
CA THR B 289 -19.70 18.24 22.10
C THR B 289 -20.33 19.64 22.04
N LYS B 290 -20.46 20.28 23.19
CA LYS B 290 -20.90 21.67 23.19
C LYS B 290 -19.93 22.58 22.40
N HIS B 291 -18.74 22.06 22.06
CA HIS B 291 -17.68 22.91 21.49
C HIS B 291 -17.11 22.40 20.17
N PRO B 292 -17.97 22.33 19.14
CA PRO B 292 -17.57 21.72 17.88
C PRO B 292 -16.39 22.44 17.29
N LYS B 293 -16.43 23.76 17.27
CA LYS B 293 -15.38 24.58 16.66
C LYS B 293 -14.03 24.18 17.25
N GLU B 294 -14.01 23.98 18.56
CA GLU B 294 -12.76 23.76 19.31
C GLU B 294 -12.25 22.32 19.25
N ALA B 295 -13.17 21.36 19.27
CA ALA B 295 -12.82 19.94 18.97
C ALA B 295 -12.23 19.71 17.56
N ASN B 296 -12.92 20.13 16.52
CA ASN B 296 -12.35 20.18 15.17
C ASN B 296 -10.97 20.87 15.07
N ALA B 297 -10.67 21.89 15.87
CA ALA B 297 -9.41 22.65 15.69
C ALA B 297 -8.36 21.87 16.33
N PHE B 298 -8.73 21.07 17.30
CA PHE B 298 -7.79 20.14 17.88
C PHE B 298 -7.41 19.03 16.94
N VAL B 299 -8.42 18.36 16.38
CA VAL B 299 -8.16 17.29 15.41
C VAL B 299 -7.36 17.89 14.29
N GLU B 300 -7.78 19.02 13.77
CA GLU B 300 -7.11 19.61 12.59
C GLU B 300 -5.65 19.78 12.82
N TYR B 301 -5.34 20.38 13.98
CA TYR B 301 -3.96 20.55 14.46
C TYR B 301 -3.16 19.28 14.37
N MET B 302 -3.69 18.18 14.83
CA MET B 302 -2.96 16.92 14.73
C MET B 302 -2.72 16.48 13.29
N THR B 303 -3.42 17.04 12.33
CA THR B 303 -3.13 16.71 10.92
C THR B 303 -2.06 17.57 10.26
N ARG B 304 -1.52 18.56 10.98
CA ARG B 304 -0.38 19.37 10.47
C ARG B 304 0.93 18.59 10.33
N PRO B 305 1.55 18.60 9.16
CA PRO B 305 2.76 17.83 9.04
C PRO B 305 3.75 18.05 10.17
N GLU B 306 4.07 19.31 10.50
CA GLU B 306 5.07 19.64 11.53
C GLU B 306 4.68 19.16 12.92
N VAL B 307 3.38 19.00 13.16
CA VAL B 307 2.94 18.45 14.41
C VAL B 307 2.97 16.95 14.38
N MET B 308 2.46 16.39 13.32
CA MET B 308 2.52 14.98 13.16
C MET B 308 3.98 14.59 13.17
N GLN B 309 4.80 15.38 12.53
CA GLN B 309 6.14 14.94 12.49
C GLN B 309 6.56 14.70 13.94
N LYS B 310 6.26 15.64 14.84
CA LYS B 310 6.76 15.55 16.24
C LYS B 310 6.50 14.14 16.78
N TYR B 311 5.24 13.69 16.54
CA TYR B 311 4.64 12.51 17.16
C TYR B 311 5.21 11.24 16.58
N TYR B 312 5.48 11.31 15.29
CA TYR B 312 6.05 10.18 14.59
C TYR B 312 7.45 9.94 14.99
N ASP B 313 8.17 11.04 15.23
CA ASP B 313 9.65 11.04 15.47
C ASP B 313 9.92 10.37 16.79
N VAL B 314 8.88 10.17 17.60
CA VAL B 314 8.93 9.33 18.79
C VAL B 314 8.31 7.92 18.65
N ASP B 315 7.15 7.83 18.01
CA ASP B 315 6.34 6.58 18.02
C ASP B 315 6.83 5.62 16.97
N GLY B 316 7.03 6.13 15.76
CA GLY B 316 7.57 5.38 14.65
C GLY B 316 6.61 4.48 13.90
N SER B 317 5.32 4.57 14.21
CA SER B 317 4.35 3.75 13.48
C SER B 317 3.97 4.38 12.11
N PRO B 318 3.72 3.54 11.10
CA PRO B 318 3.36 3.96 9.72
C PRO B 318 2.28 4.98 9.70
N THR B 319 2.53 6.12 9.06
CA THR B 319 1.55 7.18 9.08
C THR B 319 0.99 7.43 7.68
N ALA B 320 -0.28 7.81 7.58
CA ALA B 320 -0.88 8.16 6.31
C ALA B 320 -0.88 9.68 6.04
N ILE B 321 -0.46 10.47 6.99
CA ILE B 321 -0.58 11.91 6.88
C ILE B 321 0.38 12.45 5.85
N GLU B 322 -0.07 13.38 5.02
CA GLU B 322 0.79 14.12 4.12
C GLU B 322 1.95 14.81 4.77
N GLY B 323 3.15 14.58 4.28
CA GLY B 323 4.18 15.57 4.42
C GLY B 323 5.06 15.21 5.58
N VAL B 324 4.85 14.01 6.05
CA VAL B 324 5.62 13.48 7.17
C VAL B 324 6.74 12.60 6.67
N LYS B 325 7.98 12.92 7.08
CA LYS B 325 9.20 12.21 6.62
C LYS B 325 9.31 10.88 7.39
N GLN B 326 9.49 9.80 6.65
CA GLN B 326 9.35 8.47 7.22
C GLN B 326 10.63 7.66 7.16
N ALA B 327 10.94 7.00 8.26
CA ALA B 327 12.21 6.33 8.44
C ALA B 327 12.41 5.29 7.33
N GLY B 328 13.64 4.79 7.24
CA GLY B 328 14.01 3.83 6.19
C GLY B 328 14.31 2.45 6.73
N GLU B 329 14.71 1.53 5.84
CA GLU B 329 14.96 0.11 6.18
C GLU B 329 15.85 -0.11 7.39
N ASP B 330 16.60 0.93 7.81
CA ASP B 330 17.50 0.84 9.00
C ASP B 330 16.86 1.19 10.36
N SER B 331 15.66 1.76 10.36
CA SER B 331 14.89 1.93 11.58
C SER B 331 14.46 0.56 12.19
N PRO B 332 14.16 0.53 13.51
CA PRO B 332 13.78 -0.71 14.19
C PRO B 332 12.58 -1.47 13.60
N LEU B 333 11.63 -0.68 13.10
CA LEU B 333 10.37 -1.21 12.57
C LEU B 333 10.37 -1.53 11.05
N ALA B 334 11.46 -1.29 10.34
CA ALA B 334 11.49 -1.63 8.94
C ALA B 334 11.01 -3.07 8.59
N GLY B 335 11.43 -4.09 9.33
CA GLY B 335 11.01 -5.47 9.03
C GLY B 335 9.49 -5.69 9.14
N MET B 336 8.98 -5.18 10.24
CA MET B 336 7.58 -5.30 10.60
C MET B 336 6.67 -4.37 9.80
N THR B 337 7.17 -3.30 9.22
CA THR B 337 6.26 -2.39 8.53
C THR B 337 6.56 -2.31 7.06
N GLU B 338 7.28 -3.29 6.55
CA GLU B 338 7.70 -3.25 5.18
C GLU B 338 6.51 -3.26 4.21
N TYR B 339 5.40 -3.87 4.62
CA TYR B 339 4.24 -4.03 3.75
C TYR B 339 3.02 -3.32 4.31
N ALA B 340 3.28 -2.26 5.06
CA ALA B 340 2.24 -1.37 5.56
C ALA B 340 1.33 -0.95 4.43
N PHE B 341 0.03 -0.96 4.65
CA PHE B 341 -0.94 -0.42 3.67
C PHE B 341 -1.08 -1.24 2.37
N THR B 342 -0.38 -2.36 2.29
CA THR B 342 -0.59 -3.29 1.18
C THR B 342 -1.51 -4.39 1.67
N ASP B 343 -1.86 -5.26 0.73
CA ASP B 343 -2.69 -6.42 1.04
C ASP B 343 -2.02 -7.49 1.93
N ARG B 344 -0.76 -7.31 2.33
CA ARG B 344 -0.15 -8.22 3.30
C ARG B 344 -0.33 -7.66 4.74
N HIS B 345 -0.94 -6.49 4.82
CA HIS B 345 -1.22 -5.87 6.10
C HIS B 345 -2.72 -5.94 6.38
N LEU B 346 -3.25 -7.14 6.58
CA LEU B 346 -4.67 -7.30 6.91
C LEU B 346 -5.11 -6.61 8.24
N VAL B 347 -6.43 -6.42 8.31
CA VAL B 347 -7.07 -5.81 9.43
C VAL B 347 -7.31 -6.82 10.56
N TRP B 348 -7.15 -6.34 11.79
CA TRP B 348 -7.38 -7.11 12.96
C TRP B 348 -8.58 -7.97 12.66
N LEU B 349 -8.53 -9.22 13.13
CA LEU B 349 -9.57 -10.14 12.75
C LEU B 349 -10.85 -9.79 13.46
N GLN B 350 -10.74 -9.20 14.65
CA GLN B 350 -11.94 -8.90 15.50
C GLN B 350 -12.85 -7.76 15.01
N GLN B 351 -12.55 -7.24 13.82
CA GLN B 351 -13.46 -6.39 13.08
C GLN B 351 -14.82 -7.08 12.81
N TYR B 352 -14.79 -8.40 12.66
CA TYR B 352 -16.05 -9.15 12.44
C TYR B 352 -16.42 -10.11 13.58
N TRP B 353 -15.72 -9.99 14.72
CA TRP B 353 -16.10 -10.65 15.99
C TRP B 353 -16.94 -9.72 16.91
N THR B 354 -17.61 -10.29 17.91
CA THR B 354 -18.46 -9.48 18.81
C THR B 354 -17.72 -9.00 20.07
N SER B 355 -16.52 -9.54 20.28
CA SER B 355 -15.60 -9.12 21.36
C SER B 355 -14.26 -9.72 21.04
N GLU B 356 -13.26 -9.48 21.91
CA GLU B 356 -11.95 -10.14 21.71
C GLU B 356 -11.27 -10.77 22.95
N ALA B 357 -11.69 -10.42 24.16
CA ALA B 357 -10.92 -10.77 25.38
C ALA B 357 -10.66 -12.28 25.48
N ASP B 358 -11.72 -13.07 25.36
CA ASP B 358 -11.60 -14.55 25.43
C ASP B 358 -10.64 -15.17 24.40
N PHE B 359 -10.42 -14.47 23.30
CA PHE B 359 -9.46 -14.93 22.29
C PHE B 359 -8.01 -14.78 22.72
N HIS B 360 -7.68 -13.63 23.34
CA HIS B 360 -6.41 -13.53 24.04
C HIS B 360 -6.30 -14.64 25.07
N THR B 361 -7.35 -14.81 25.87
CA THR B 361 -7.26 -15.72 27.01
C THR B 361 -6.91 -17.14 26.54
N LEU B 362 -7.66 -17.67 25.58
CA LEU B 362 -7.37 -18.98 25.02
C LEU B 362 -5.94 -19.07 24.49
N THR B 363 -5.49 -18.04 23.81
CA THR B 363 -4.09 -17.98 23.32
C THR B 363 -3.06 -18.09 24.43
N MET B 364 -3.28 -17.37 25.52
CA MET B 364 -2.30 -17.35 26.57
C MET B 364 -2.43 -18.64 27.38
N ASN B 365 -3.65 -19.18 27.50
CA ASN B 365 -3.83 -20.42 28.27
C ASN B 365 -3.23 -21.62 27.54
N TYR B 366 -3.11 -21.53 26.22
CA TYR B 366 -2.53 -22.63 25.45
C TYR B 366 -1.03 -22.73 25.70
N VAL B 367 -0.37 -21.55 25.64
CA VAL B 367 1.06 -21.35 25.95
C VAL B 367 1.39 -21.81 27.34
N LEU B 368 0.61 -21.41 28.32
CA LEU B 368 0.78 -21.99 29.64
C LEU B 368 0.58 -23.51 29.63
N THR B 369 -0.55 -24.01 29.13
CA THR B 369 -0.97 -25.38 29.43
C THR B 369 -0.59 -26.47 28.42
N GLY B 370 -0.27 -26.09 27.19
CA GLY B 370 0.06 -27.10 26.16
C GLY B 370 -1.12 -27.93 25.67
N ASP B 371 -2.32 -27.62 26.16
CA ASP B 371 -3.54 -28.43 25.97
C ASP B 371 -4.25 -28.07 24.65
N LYS B 372 -4.13 -28.98 23.70
CA LYS B 372 -4.70 -28.82 22.37
C LYS B 372 -6.23 -28.86 22.37
N GLN B 373 -6.84 -29.96 22.84
CA GLN B 373 -8.29 -30.08 22.72
C GLN B 373 -9.01 -28.93 23.41
N GLY B 374 -8.55 -28.56 24.60
CA GLY B 374 -9.03 -27.38 25.31
C GLY B 374 -9.05 -26.12 24.45
N MET B 375 -7.96 -25.86 23.73
CA MET B 375 -7.94 -24.70 22.86
C MET B 375 -9.08 -24.82 21.85
N VAL B 376 -9.25 -25.99 21.25
CA VAL B 376 -10.34 -26.20 20.31
C VAL B 376 -11.68 -25.85 20.96
N ASN B 377 -11.96 -26.43 22.12
CA ASN B 377 -13.23 -26.17 22.83
C ASN B 377 -13.33 -24.70 23.25
N ASP B 378 -12.17 -24.13 23.63
CA ASP B 378 -12.04 -22.70 23.98
C ASP B 378 -12.49 -21.87 22.78
N LEU B 379 -11.93 -22.23 21.64
CA LEU B 379 -12.23 -21.59 20.39
C LEU B 379 -13.70 -21.71 20.07
N ASN B 380 -14.18 -22.94 19.82
CA ASN B 380 -15.56 -23.15 19.41
C ASN B 380 -16.49 -22.38 20.31
N ALA B 381 -16.22 -22.44 21.61
CA ALA B 381 -17.03 -21.76 22.58
C ALA B 381 -16.94 -20.21 22.42
N PHE B 382 -15.77 -19.66 22.11
CA PHE B 382 -15.70 -18.22 21.85
C PHE B 382 -16.53 -17.81 20.62
N PHE B 383 -16.51 -18.68 19.61
CA PHE B 383 -17.10 -18.39 18.31
C PHE B 383 -18.56 -18.74 18.13
N ASN B 384 -19.00 -19.89 18.60
CA ASN B 384 -20.37 -20.30 18.31
C ASN B 384 -21.41 -19.20 18.56
N PRO B 385 -21.40 -18.56 19.75
CA PRO B 385 -22.35 -17.44 20.01
C PRO B 385 -22.45 -16.38 18.90
N MET B 386 -21.38 -16.19 18.15
CA MET B 386 -21.37 -15.23 17.08
C MET B 386 -22.00 -15.79 15.82
N LYS B 387 -22.10 -17.11 15.69
CA LYS B 387 -22.60 -17.75 14.45
C LYS B 387 -24.15 -17.93 14.38
N MET B 388 -24.82 -17.96 15.52
CA MET B 388 -26.26 -18.22 15.56
C MET B 388 -27.09 -17.07 14.92
#